data_2W6M
#
_entry.id   2W6M
#
_cell.length_a   84.242
_cell.length_b   106.197
_cell.length_c   122.277
_cell.angle_alpha   90.00
_cell.angle_beta   90.00
_cell.angle_gamma   90.00
#
_symmetry.space_group_name_H-M   'P 21 21 21'
#
loop_
_entity.id
_entity.type
_entity.pdbx_description
1 polymer 'BIOTIN CARBOXYLASE'
2 non-polymer (2-AMINO-1,3-OXAZOL-5-YL)-(3-BROMOPHENYL)METHANONE
3 non-polymer 'CHLORIDE ION'
4 water water
#
_entity_poly.entity_id   1
_entity_poly.type   'polypeptide(L)'
_entity_poly.pdbx_seq_one_letter_code
;MLDKIVIANRGEIALRILRACKELGIKTVAVHSSADRDLKHVLLADETVCIGPAPSVKSYLNIPAIISAAEITGAVAIHP
GYGFLSENANFAEQVERSGFIFIGPKAETIRLMGDKVSAIAAMKKAGVPCVPGSDGPLGDDMDKNRAIAKRIGYPVIIKA
SGGGGGRGMRVVRGDAELAQSISMTRAEAKAAFSNDMVYMEKYLENPRHVEIQVLADGQGNAIYLAERDCSMQRRHQKVV
EEAPAPGITPELRRYIGERCAKACVDIGYRGAGTFEFLFENGEFYFIEMNTRIQVEHPVTEMITGVDLIKEQLRIAAGQP
LSIKQEEVHVRGHAVECRINAEDPNTFLPSPGKITRFHAPGGFGVRWESHIYAGYTVPPYYDSMIGKLICYGENRDVAIA
RMKNALQELIIDGIKTNVDLQIRIMNDENFQHGGTNIHYLEKKLGLQEK
;
_entity_poly.pdbx_strand_id   A,B
#
# COMPACT_ATOMS: atom_id res chain seq x y z
N MET A 1 -15.17 -7.22 -21.40
CA MET A 1 -13.97 -6.37 -21.18
C MET A 1 -13.29 -6.04 -22.51
N LEU A 2 -12.69 -4.85 -22.58
CA LEU A 2 -11.94 -4.41 -23.77
C LEU A 2 -10.78 -5.36 -24.03
N ASP A 3 -10.68 -5.85 -25.26
CA ASP A 3 -9.66 -6.84 -25.59
C ASP A 3 -8.24 -6.28 -25.53
N LYS A 4 -8.07 -5.09 -26.08
CA LYS A 4 -6.76 -4.49 -26.29
C LYS A 4 -6.89 -2.99 -26.34
N ILE A 5 -6.00 -2.29 -25.64
CA ILE A 5 -6.02 -0.82 -25.65
C ILE A 5 -4.65 -0.23 -25.93
N VAL A 6 -4.67 0.94 -26.57
CA VAL A 6 -3.47 1.76 -26.72
C VAL A 6 -3.39 2.69 -25.51
N ILE A 7 -2.24 2.68 -24.85
CA ILE A 7 -1.95 3.63 -23.77
C ILE A 7 -1.24 4.84 -24.40
N ALA A 8 -2.02 5.89 -24.64
CA ALA A 8 -1.53 7.06 -25.36
C ALA A 8 -0.91 8.07 -24.39
N ASN A 9 0.14 7.63 -23.71
CA ASN A 9 0.85 8.44 -22.74
C ASN A 9 2.22 7.83 -22.43
N ARG A 10 2.86 8.31 -21.37
CA ARG A 10 4.24 7.90 -21.04
C ARG A 10 4.45 7.96 -19.53
N GLY A 11 5.64 7.58 -19.08
CA GLY A 11 6.05 7.76 -17.69
C GLY A 11 5.14 7.07 -16.68
N GLU A 12 4.93 7.72 -15.54
CA GLU A 12 4.23 7.09 -14.41
C GLU A 12 2.79 6.70 -14.72
N ILE A 13 2.06 7.58 -15.39
CA ILE A 13 0.63 7.33 -15.66
C ILE A 13 0.43 6.18 -16.65
N ALA A 14 1.34 6.05 -17.62
CA ALA A 14 1.29 4.94 -18.56
C ALA A 14 1.50 3.61 -17.84
N LEU A 15 2.42 3.60 -16.88
CA LEU A 15 2.64 2.43 -16.03
C LEU A 15 1.42 2.15 -15.15
N ARG A 16 0.82 3.20 -14.60
CA ARG A 16 -0.41 3.09 -13.82
C ARG A 16 -1.52 2.42 -14.64
N ILE A 17 -1.71 2.89 -15.86
CA ILE A 17 -2.74 2.34 -16.74
C ILE A 17 -2.41 0.89 -17.11
N LEU A 18 -1.13 0.61 -17.40
CA LEU A 18 -0.69 -0.74 -17.74
C LEU A 18 -1.03 -1.75 -16.64
N ARG A 19 -0.78 -1.38 -15.38
CA ARG A 19 -1.08 -2.28 -14.26
C ARG A 19 -2.57 -2.57 -14.18
N ALA A 20 -3.40 -1.54 -14.33
CA ALA A 20 -4.85 -1.71 -14.34
C ALA A 20 -5.31 -2.66 -15.46
N CYS A 21 -4.72 -2.50 -16.64
CA CYS A 21 -5.04 -3.36 -17.80
C CYS A 21 -4.72 -4.83 -17.53
N LYS A 22 -3.52 -5.07 -17.01
CA LYS A 22 -3.06 -6.41 -16.67
C LYS A 22 -3.99 -7.08 -15.65
N GLU A 23 -4.44 -6.31 -14.67
CA GLU A 23 -5.37 -6.80 -13.65
C GLU A 23 -6.71 -7.20 -14.27
N LEU A 24 -7.10 -6.50 -15.34
CA LEU A 24 -8.38 -6.76 -16.01
C LEU A 24 -8.24 -7.71 -17.20
N GLY A 25 -7.02 -8.19 -17.45
CA GLY A 25 -6.75 -9.10 -18.57
C GLY A 25 -6.81 -8.42 -19.92
N ILE A 26 -6.68 -7.10 -19.93
CA ILE A 26 -6.69 -6.31 -21.16
C ILE A 26 -5.28 -6.27 -21.75
N LYS A 27 -5.17 -6.62 -23.04
CA LYS A 27 -3.90 -6.55 -23.74
C LYS A 27 -3.47 -5.09 -23.91
N THR A 28 -2.16 -4.85 -23.84
CA THR A 28 -1.65 -3.49 -23.86
C THR A 28 -0.84 -3.18 -25.10
N VAL A 29 -1.06 -1.99 -25.65
CA VAL A 29 -0.23 -1.45 -26.72
C VAL A 29 0.43 -0.18 -26.21
N ALA A 30 1.76 -0.21 -26.08
CA ALA A 30 2.50 0.97 -25.65
C ALA A 30 3.04 1.74 -26.85
N VAL A 31 2.40 2.87 -27.14
CA VAL A 31 2.93 3.81 -28.12
C VAL A 31 3.92 4.72 -27.41
N HIS A 32 5.10 4.90 -28.01
CA HIS A 32 6.17 5.66 -27.39
C HIS A 32 6.98 6.43 -28.43
N SER A 33 7.61 7.51 -27.97
CA SER A 33 8.57 8.22 -28.79
C SER A 33 9.88 7.41 -28.84
N SER A 34 10.77 7.82 -29.75
CA SER A 34 12.08 7.20 -29.91
C SER A 34 12.98 7.42 -28.68
N ALA A 35 12.65 8.44 -27.88
CA ALA A 35 13.39 8.71 -26.66
C ALA A 35 12.89 7.87 -25.47
N ASP A 36 11.75 7.20 -25.66
CA ASP A 36 11.08 6.49 -24.57
C ASP A 36 11.07 4.98 -24.74
N ARG A 37 12.02 4.44 -25.50
CA ARG A 37 12.10 3.01 -25.77
C ARG A 37 12.29 2.17 -24.50
N ASP A 38 12.93 2.78 -23.50
CA ASP A 38 13.26 2.07 -22.27
C ASP A 38 12.42 2.47 -21.06
N LEU A 39 11.27 3.09 -21.31
CA LEU A 39 10.26 3.31 -20.27
C LEU A 39 9.84 1.97 -19.70
N LYS A 40 9.63 1.92 -18.38
CA LYS A 40 9.23 0.68 -17.70
C LYS A 40 7.97 0.04 -18.31
N HIS A 41 6.93 0.85 -18.53
CA HIS A 41 5.67 0.30 -19.06
C HIS A 41 5.82 -0.23 -20.50
N VAL A 42 6.69 0.41 -21.29
CA VAL A 42 7.00 -0.04 -22.65
C VAL A 42 7.61 -1.44 -22.61
N LEU A 43 8.55 -1.65 -21.68
CA LEU A 43 9.22 -2.92 -21.52
C LEU A 43 8.28 -4.02 -21.00
N LEU A 44 7.23 -3.61 -20.30
CA LEU A 44 6.25 -4.54 -19.74
C LEU A 44 5.02 -4.77 -20.63
N ALA A 45 4.87 -3.95 -21.67
CA ALA A 45 3.69 -4.02 -22.53
C ALA A 45 3.68 -5.24 -23.46
N ASP A 46 2.48 -5.70 -23.82
CA ASP A 46 2.33 -6.84 -24.72
C ASP A 46 2.85 -6.51 -26.12
N GLU A 47 2.50 -5.32 -26.59
CA GLU A 47 2.93 -4.81 -27.89
C GLU A 47 3.42 -3.38 -27.75
N THR A 48 4.38 -3.01 -28.59
CA THR A 48 4.94 -1.66 -28.61
C THR A 48 4.97 -1.11 -30.03
N VAL A 49 4.66 0.18 -30.17
CA VAL A 49 4.74 0.88 -31.44
C VAL A 49 5.44 2.21 -31.23
N CYS A 50 6.58 2.42 -31.90
CA CYS A 50 7.23 3.72 -31.87
C CYS A 50 6.51 4.67 -32.81
N ILE A 51 5.92 5.73 -32.25
CA ILE A 51 5.04 6.61 -33.03
C ILE A 51 5.71 7.89 -33.56
N GLY A 52 6.97 8.09 -33.18
CA GLY A 52 7.71 9.24 -33.70
C GLY A 52 8.95 9.58 -32.90
N PRO A 53 9.64 10.67 -33.30
CA PRO A 53 10.81 11.16 -32.60
C PRO A 53 10.45 11.80 -31.24
N ALA A 54 11.47 12.21 -30.50
CA ALA A 54 11.33 12.72 -29.13
C ALA A 54 10.30 13.84 -28.90
N PRO A 55 10.37 14.94 -29.69
CA PRO A 55 9.46 16.05 -29.40
C PRO A 55 7.99 15.62 -29.42
N SER A 56 7.24 16.04 -28.42
CA SER A 56 5.85 15.62 -28.24
C SER A 56 4.95 15.87 -29.45
N VAL A 57 5.21 16.94 -30.19
CA VAL A 57 4.39 17.27 -31.37
C VAL A 57 4.39 16.13 -32.40
N LYS A 58 5.49 15.40 -32.49
CA LYS A 58 5.63 14.33 -33.46
C LYS A 58 5.42 12.95 -32.85
N SER A 59 5.13 12.91 -31.54
CA SER A 59 4.86 11.64 -30.87
C SER A 59 3.55 11.67 -30.08
N TYR A 60 3.60 12.11 -28.83
CA TYR A 60 2.46 11.99 -27.92
C TYR A 60 1.29 12.93 -28.24
N LEU A 61 1.55 13.93 -29.09
CA LEU A 61 0.49 14.80 -29.62
C LEU A 61 0.16 14.48 -31.08
N ASN A 62 0.84 13.49 -31.64
CA ASN A 62 0.67 13.12 -33.05
C ASN A 62 -0.57 12.24 -33.26
N ILE A 63 -1.70 12.90 -33.52
CA ILE A 63 -2.99 12.23 -33.65
C ILE A 63 -3.02 11.11 -34.71
N PRO A 64 -2.61 11.40 -35.97
CA PRO A 64 -2.57 10.33 -36.98
C PRO A 64 -1.75 9.10 -36.58
N ALA A 65 -0.58 9.32 -35.96
CA ALA A 65 0.30 8.22 -35.57
C ALA A 65 -0.31 7.35 -34.46
N ILE A 66 -0.97 7.99 -33.50
CA ILE A 66 -1.61 7.28 -32.38
C ILE A 66 -2.78 6.43 -32.87
N ILE A 67 -3.60 7.00 -33.75
CA ILE A 67 -4.72 6.28 -34.34
C ILE A 67 -4.26 5.15 -35.27
N SER A 68 -3.18 5.40 -36.03
CA SER A 68 -2.59 4.36 -36.87
C SER A 68 -2.09 3.18 -36.03
N ALA A 69 -1.47 3.49 -34.89
CA ALA A 69 -1.01 2.46 -33.96
C ALA A 69 -2.15 1.59 -33.48
N ALA A 70 -3.29 2.22 -33.16
CA ALA A 70 -4.50 1.50 -32.74
C ALA A 70 -5.02 0.61 -33.86
N GLU A 71 -5.00 1.13 -35.09
CA GLU A 71 -5.45 0.37 -36.27
C GLU A 71 -4.57 -0.85 -36.53
N ILE A 72 -3.26 -0.64 -36.57
CA ILE A 72 -2.33 -1.71 -36.95
C ILE A 72 -2.25 -2.87 -35.94
N THR A 73 -2.45 -2.56 -34.66
CA THR A 73 -2.37 -3.58 -33.60
C THR A 73 -3.72 -4.26 -33.33
N GLY A 74 -4.78 -3.74 -33.94
CA GLY A 74 -6.13 -4.26 -33.71
C GLY A 74 -6.64 -3.94 -32.33
N ALA A 75 -6.21 -2.80 -31.78
CA ALA A 75 -6.72 -2.31 -30.49
C ALA A 75 -8.15 -1.78 -30.65
N VAL A 76 -8.90 -1.70 -29.56
CA VAL A 76 -10.31 -1.32 -29.59
C VAL A 76 -10.58 0.03 -28.92
N ALA A 77 -9.59 0.48 -28.14
CA ALA A 77 -9.75 1.67 -27.31
C ALA A 77 -8.42 2.38 -27.08
N ILE A 78 -8.50 3.65 -26.71
CA ILE A 78 -7.34 4.47 -26.42
C ILE A 78 -7.53 5.19 -25.08
N HIS A 79 -6.58 5.00 -24.18
CA HIS A 79 -6.53 5.73 -22.91
C HIS A 79 -5.50 6.87 -23.02
N PRO A 80 -5.97 8.12 -22.93
CA PRO A 80 -5.12 9.29 -23.11
C PRO A 80 -4.32 9.72 -21.85
N GLY A 81 -4.56 9.07 -20.72
CA GLY A 81 -3.94 9.45 -19.45
C GLY A 81 -4.32 10.87 -19.06
N TYR A 82 -3.36 11.63 -18.53
CA TYR A 82 -3.53 13.07 -18.33
C TYR A 82 -2.52 13.84 -19.19
N GLY A 83 -2.72 15.14 -19.31
CA GLY A 83 -1.89 15.97 -20.19
C GLY A 83 -2.11 15.57 -21.64
N PHE A 84 -1.09 15.84 -22.47
CA PHE A 84 -1.13 15.57 -23.92
C PHE A 84 -2.51 15.81 -24.57
N LEU A 85 -3.19 14.74 -24.98
CA LEU A 85 -4.44 14.86 -25.74
C LEU A 85 -5.69 14.53 -24.93
N SER A 86 -5.53 14.38 -23.62
CA SER A 86 -6.60 13.93 -22.74
C SER A 86 -7.81 14.87 -22.68
N GLU A 87 -7.56 16.17 -22.86
CA GLU A 87 -8.64 17.16 -22.90
C GLU A 87 -8.85 17.74 -24.30
N ASN A 88 -8.38 17.01 -25.31
CA ASN A 88 -8.51 17.44 -26.71
C ASN A 88 -9.77 16.83 -27.33
N ALA A 89 -10.83 17.63 -27.39
CA ALA A 89 -12.14 17.17 -27.90
C ALA A 89 -12.09 16.71 -29.35
N ASN A 90 -11.28 17.40 -30.17
CA ASN A 90 -11.08 17.00 -31.56
C ASN A 90 -10.41 15.63 -31.69
N PHE A 91 -9.47 15.34 -30.79
CA PHE A 91 -8.85 14.02 -30.73
C PHE A 91 -9.87 12.93 -30.39
N ALA A 92 -10.64 13.16 -29.33
CA ALA A 92 -11.69 12.23 -28.89
C ALA A 92 -12.70 11.95 -30.02
N GLU A 93 -13.07 13.01 -30.73
CA GLU A 93 -13.98 12.93 -31.87
C GLU A 93 -13.40 12.06 -32.98
N GLN A 94 -12.12 12.30 -33.32
CA GLN A 94 -11.42 11.51 -34.33
C GLN A 94 -11.29 10.04 -33.93
N VAL A 95 -10.95 9.79 -32.67
CA VAL A 95 -10.83 8.42 -32.15
C VAL A 95 -12.14 7.65 -32.35
N GLU A 96 -13.25 8.27 -31.95
CA GLU A 96 -14.58 7.67 -32.09
C GLU A 96 -15.00 7.54 -33.55
N ARG A 97 -14.70 8.55 -34.36
CA ARG A 97 -14.97 8.55 -35.80
C ARG A 97 -14.21 7.43 -36.49
N SER A 98 -12.97 7.20 -36.05
CA SER A 98 -12.13 6.14 -36.59
C SER A 98 -12.56 4.74 -36.11
N GLY A 99 -13.51 4.71 -35.18
CA GLY A 99 -14.13 3.46 -34.74
C GLY A 99 -13.60 2.87 -33.44
N PHE A 100 -12.79 3.65 -32.72
CA PHE A 100 -12.21 3.20 -31.46
C PHE A 100 -12.89 3.87 -30.27
N ILE A 101 -12.78 3.24 -29.11
CA ILE A 101 -13.33 3.81 -27.89
C ILE A 101 -12.34 4.78 -27.26
N PHE A 102 -12.80 5.99 -26.98
CA PHE A 102 -12.02 6.96 -26.22
C PHE A 102 -12.36 6.76 -24.76
N ILE A 103 -11.34 6.47 -23.95
CA ILE A 103 -11.53 6.29 -22.51
C ILE A 103 -11.64 7.69 -21.88
N GLY A 104 -12.89 8.12 -21.75
CA GLY A 104 -13.23 9.45 -21.29
C GLY A 104 -14.69 9.71 -21.60
N PRO A 105 -15.13 10.98 -21.45
CA PRO A 105 -16.52 11.29 -21.76
C PRO A 105 -16.72 11.43 -23.25
N LYS A 106 -17.95 11.75 -23.67
CA LYS A 106 -18.22 12.10 -25.05
C LYS A 106 -17.41 13.35 -25.39
N ALA A 107 -17.04 13.47 -26.66
CA ALA A 107 -16.26 14.62 -27.15
C ALA A 107 -16.97 15.95 -26.84
N GLU A 108 -18.29 15.99 -27.04
CA GLU A 108 -19.11 17.16 -26.72
C GLU A 108 -18.97 17.60 -25.26
N THR A 109 -18.85 16.62 -24.36
CA THR A 109 -18.67 16.91 -22.93
C THR A 109 -17.27 17.48 -22.65
N ILE A 110 -16.26 16.92 -23.29
CA ILE A 110 -14.89 17.45 -23.20
C ILE A 110 -14.88 18.92 -23.65
N ARG A 111 -15.51 19.16 -24.80
CA ARG A 111 -15.61 20.51 -25.38
C ARG A 111 -16.32 21.47 -24.44
N LEU A 112 -17.42 21.01 -23.85
CA LEU A 112 -18.17 21.81 -22.87
C LEU A 112 -17.29 22.26 -21.69
N MET A 113 -16.51 21.33 -21.14
CA MET A 113 -15.68 21.63 -19.97
C MET A 113 -14.42 22.42 -20.29
N GLY A 114 -13.99 22.38 -21.56
CA GLY A 114 -12.89 23.20 -22.05
C GLY A 114 -13.30 24.64 -22.30
N ASP A 115 -14.61 24.86 -22.40
CA ASP A 115 -15.19 26.20 -22.52
C ASP A 115 -15.64 26.61 -21.12
N LYS A 116 -14.78 27.36 -20.43
CA LYS A 116 -15.03 27.70 -19.03
C LYS A 116 -16.33 28.47 -18.78
N VAL A 117 -16.67 29.38 -19.70
CA VAL A 117 -17.95 30.11 -19.63
C VAL A 117 -19.16 29.19 -19.73
N SER A 118 -19.20 28.33 -20.75
CA SER A 118 -20.34 27.43 -20.91
C SER A 118 -20.38 26.33 -19.84
N ALA A 119 -19.20 25.92 -19.36
CA ALA A 119 -19.12 24.96 -18.24
C ALA A 119 -19.72 25.54 -16.96
N ILE A 120 -19.34 26.77 -16.61
CA ILE A 120 -19.92 27.47 -15.46
C ILE A 120 -21.45 27.58 -15.60
N ALA A 121 -21.92 27.95 -16.80
CA ALA A 121 -23.35 28.08 -17.06
C ALA A 121 -24.10 26.76 -16.85
N ALA A 122 -23.48 25.65 -17.28
CA ALA A 122 -24.08 24.33 -17.12
C ALA A 122 -24.15 23.89 -15.65
N MET A 123 -23.08 24.16 -14.91
CA MET A 123 -23.00 23.80 -13.49
C MET A 123 -23.96 24.63 -12.65
N LYS A 124 -24.02 25.93 -12.94
CA LYS A 124 -24.95 26.84 -12.27
C LYS A 124 -26.39 26.39 -12.49
N LYS A 125 -26.73 26.06 -13.74
CA LYS A 125 -28.04 25.51 -14.09
C LYS A 125 -28.34 24.21 -13.32
N ALA A 126 -27.31 23.39 -13.13
CA ALA A 126 -27.46 22.10 -12.48
C ALA A 126 -27.57 22.19 -10.96
N GLY A 127 -27.29 23.38 -10.41
CA GLY A 127 -27.38 23.61 -8.97
C GLY A 127 -26.06 23.60 -8.23
N VAL A 128 -24.95 23.52 -8.96
CA VAL A 128 -23.62 23.58 -8.38
C VAL A 128 -23.27 25.04 -8.08
N PRO A 129 -22.81 25.34 -6.84
CA PRO A 129 -22.43 26.71 -6.51
C PRO A 129 -21.20 27.17 -7.28
N CYS A 130 -21.30 28.34 -7.91
CA CYS A 130 -20.21 28.93 -8.69
C CYS A 130 -19.80 30.25 -8.06
N VAL A 131 -18.66 30.80 -8.51
CA VAL A 131 -18.21 32.12 -8.05
C VAL A 131 -19.14 33.18 -8.64
N PRO A 132 -19.62 34.12 -7.80
CA PRO A 132 -20.35 35.26 -8.37
C PRO A 132 -19.53 35.86 -9.51
N GLY A 133 -20.16 36.03 -10.67
CA GLY A 133 -19.43 36.48 -11.85
C GLY A 133 -20.30 37.08 -12.94
N SER A 134 -19.70 37.25 -14.12
CA SER A 134 -20.37 37.88 -15.24
C SER A 134 -21.48 37.01 -15.85
N ASP A 135 -21.41 35.70 -15.60
CA ASP A 135 -22.36 34.74 -16.19
C ASP A 135 -22.47 34.96 -17.69
N GLY A 136 -21.30 34.99 -18.34
CA GLY A 136 -21.22 35.26 -19.77
C GLY A 136 -19.92 35.93 -20.13
N PRO A 137 -19.62 35.97 -21.44
CA PRO A 137 -18.39 36.58 -21.92
C PRO A 137 -18.44 38.10 -21.81
N LEU A 138 -17.30 38.73 -21.53
CA LEU A 138 -17.19 40.18 -21.55
C LEU A 138 -17.03 40.68 -22.98
N GLY A 139 -17.77 41.74 -23.30
CA GLY A 139 -17.64 42.39 -24.60
C GLY A 139 -16.71 43.58 -24.54
N ASP A 140 -16.81 44.45 -25.53
CA ASP A 140 -15.91 45.58 -25.69
C ASP A 140 -16.42 46.89 -25.07
N ASP A 141 -17.65 46.86 -24.57
CA ASP A 141 -18.27 48.02 -23.94
C ASP A 141 -17.76 48.18 -22.50
N MET A 142 -16.87 49.15 -22.29
CA MET A 142 -16.25 49.36 -20.98
C MET A 142 -17.19 49.96 -19.92
N ASP A 143 -18.26 50.60 -20.36
CA ASP A 143 -19.32 51.03 -19.44
C ASP A 143 -20.04 49.79 -18.88
N LYS A 144 -20.36 48.85 -19.76
CA LYS A 144 -20.97 47.58 -19.33
C LYS A 144 -20.01 46.78 -18.44
N ASN A 145 -18.74 46.75 -18.82
CA ASN A 145 -17.73 46.04 -18.03
C ASN A 145 -17.51 46.61 -16.63
N ARG A 146 -17.50 47.94 -16.51
CA ARG A 146 -17.47 48.60 -15.20
C ARG A 146 -18.72 48.27 -14.38
N ALA A 147 -19.88 48.29 -15.03
CA ALA A 147 -21.15 47.94 -14.40
C ALA A 147 -21.16 46.51 -13.84
N ILE A 148 -20.57 45.58 -14.58
CA ILE A 148 -20.45 44.17 -14.12
C ILE A 148 -19.53 44.11 -12.89
N ALA A 149 -18.40 44.82 -12.95
CA ALA A 149 -17.46 44.86 -11.83
C ALA A 149 -18.09 45.45 -10.56
N LYS A 150 -18.93 46.49 -10.73
CA LYS A 150 -19.64 47.13 -9.62
C LYS A 150 -20.66 46.18 -8.99
N ARG A 151 -21.42 45.48 -9.84
CA ARG A 151 -22.44 44.53 -9.41
C ARG A 151 -21.79 43.41 -8.59
N ILE A 152 -20.71 42.84 -9.13
CA ILE A 152 -19.93 41.82 -8.43
C ILE A 152 -19.26 42.44 -7.19
N GLY A 153 -18.66 43.60 -7.35
CA GLY A 153 -17.91 44.27 -6.29
C GLY A 153 -16.44 43.92 -6.36
N TYR A 154 -15.58 44.93 -6.45
CA TYR A 154 -14.13 44.73 -6.44
C TYR A 154 -13.69 44.12 -5.11
N PRO A 155 -12.59 43.33 -5.10
CA PRO A 155 -11.76 42.94 -6.24
C PRO A 155 -12.40 41.90 -7.15
N VAL A 156 -12.06 41.96 -8.43
CA VAL A 156 -12.52 40.98 -9.41
C VAL A 156 -11.32 40.34 -10.12
N ILE A 157 -11.58 39.29 -10.88
CA ILE A 157 -10.53 38.63 -11.66
C ILE A 157 -11.04 38.35 -13.06
N ILE A 158 -10.23 38.67 -14.06
CA ILE A 158 -10.56 38.40 -15.45
C ILE A 158 -9.92 37.06 -15.83
N LYS A 159 -10.71 36.15 -16.39
CA LYS A 159 -10.24 34.83 -16.78
C LYS A 159 -10.53 34.51 -18.24
N ALA A 160 -9.66 33.72 -18.86
CA ALA A 160 -9.84 33.28 -20.24
C ALA A 160 -10.74 32.05 -20.29
N SER A 161 -11.79 32.11 -21.12
CA SER A 161 -12.72 30.97 -21.30
C SER A 161 -12.04 29.73 -21.87
N GLY A 162 -11.04 29.93 -22.73
CA GLY A 162 -10.28 28.83 -23.30
C GLY A 162 -9.10 28.41 -22.44
N GLY A 163 -8.94 29.07 -21.30
CA GLY A 163 -7.83 28.77 -20.38
C GLY A 163 -8.21 27.82 -19.28
N GLY A 164 -7.55 27.98 -18.13
CA GLY A 164 -7.77 27.10 -16.98
C GLY A 164 -6.46 26.70 -16.32
N GLY A 165 -6.56 26.18 -15.09
CA GLY A 165 -5.39 25.74 -14.34
C GLY A 165 -4.49 26.87 -13.89
N GLY A 166 -5.09 28.02 -13.60
CA GLY A 166 -4.34 29.22 -13.21
C GLY A 166 -3.72 29.96 -14.38
N ARG A 167 -3.98 29.49 -15.59
CA ARG A 167 -3.43 30.10 -16.79
C ARG A 167 -4.41 31.11 -17.42
N GLY A 168 -3.88 32.27 -17.76
CA GLY A 168 -4.66 33.30 -18.46
C GLY A 168 -5.65 34.00 -17.55
N MET A 169 -5.13 34.84 -16.65
CA MET A 169 -5.98 35.61 -15.73
C MET A 169 -5.25 36.78 -15.06
N ARG A 170 -6.00 37.81 -14.71
CA ARG A 170 -5.48 38.91 -13.89
C ARG A 170 -6.48 39.54 -12.94
N VAL A 171 -5.96 39.91 -11.78
CA VAL A 171 -6.74 40.48 -10.69
C VAL A 171 -6.93 41.99 -10.92
N VAL A 172 -8.16 42.45 -10.74
CA VAL A 172 -8.49 43.87 -10.86
C VAL A 172 -9.04 44.37 -9.53
N ARG A 173 -8.42 45.41 -8.98
CA ARG A 173 -8.82 45.93 -7.68
C ARG A 173 -9.56 47.26 -7.77
N GLY A 174 -9.71 47.78 -8.99
CA GLY A 174 -10.47 49.00 -9.21
C GLY A 174 -10.66 49.34 -10.68
N ASP A 175 -11.51 50.33 -10.94
CA ASP A 175 -11.82 50.78 -12.29
C ASP A 175 -10.60 51.15 -13.13
N ALA A 176 -9.60 51.77 -12.49
CA ALA A 176 -8.41 52.26 -13.20
C ALA A 176 -7.63 51.18 -13.96
N GLU A 177 -7.69 49.94 -13.49
CA GLU A 177 -6.94 48.83 -14.10
C GLU A 177 -7.81 47.88 -14.93
N LEU A 178 -9.12 48.14 -14.96
CA LEU A 178 -10.07 47.21 -15.57
C LEU A 178 -9.88 47.02 -17.08
N ALA A 179 -9.84 48.13 -17.83
CA ALA A 179 -9.73 48.08 -19.29
C ALA A 179 -8.47 47.35 -19.76
N GLN A 180 -7.32 47.75 -19.20
CA GLN A 180 -6.04 47.14 -19.56
C GLN A 180 -5.96 45.67 -19.12
N SER A 181 -6.53 45.36 -17.96
CA SER A 181 -6.56 43.97 -17.48
C SER A 181 -7.37 43.07 -18.41
N ILE A 182 -8.52 43.58 -18.87
CA ILE A 182 -9.34 42.86 -19.86
C ILE A 182 -8.56 42.68 -21.16
N SER A 183 -7.97 43.78 -21.65
CA SER A 183 -7.22 43.77 -22.91
C SER A 183 -6.05 42.78 -22.91
N MET A 184 -5.29 42.77 -21.81
CA MET A 184 -4.15 41.88 -21.67
C MET A 184 -4.55 40.40 -21.58
N THR A 185 -5.63 40.11 -20.85
CA THR A 185 -6.13 38.74 -20.73
C THR A 185 -6.62 38.25 -22.08
N ARG A 186 -7.31 39.12 -22.80
CA ARG A 186 -7.82 38.86 -24.14
C ARG A 186 -6.67 38.54 -25.10
N ALA A 187 -5.63 39.38 -25.08
CA ALA A 187 -4.47 39.21 -25.96
C ALA A 187 -3.73 37.90 -25.70
N GLU A 188 -3.51 37.60 -24.42
CA GLU A 188 -2.78 36.39 -24.02
C GLU A 188 -3.56 35.13 -24.39
N ALA A 189 -4.88 35.18 -24.24
CA ALA A 189 -5.76 34.08 -24.60
C ALA A 189 -5.78 33.84 -26.10
N LYS A 190 -5.78 34.93 -26.88
CA LYS A 190 -5.74 34.84 -28.34
C LYS A 190 -4.43 34.20 -28.81
N ALA A 191 -3.32 34.59 -28.18
CA ALA A 191 -2.00 34.07 -28.54
C ALA A 191 -1.82 32.59 -28.16
N ALA A 192 -2.47 32.17 -27.07
CA ALA A 192 -2.30 30.81 -26.54
C ALA A 192 -3.37 29.82 -26.98
N PHE A 193 -4.61 30.30 -27.15
CA PHE A 193 -5.74 29.41 -27.45
C PHE A 193 -6.47 29.72 -28.77
N SER A 194 -6.03 30.76 -29.46
CA SER A 194 -6.79 31.33 -30.59
C SER A 194 -8.26 31.52 -30.23
N ASN A 195 -8.47 31.94 -28.98
CA ASN A 195 -9.80 32.16 -28.41
C ASN A 195 -9.68 33.31 -27.42
N ASP A 196 -10.17 34.49 -27.80
CA ASP A 196 -10.01 35.68 -26.98
C ASP A 196 -11.17 35.93 -26.00
N MET A 197 -12.05 34.95 -25.84
CA MET A 197 -13.19 35.11 -24.93
C MET A 197 -12.73 35.17 -23.47
N VAL A 198 -13.23 36.17 -22.76
CA VAL A 198 -12.88 36.35 -21.34
C VAL A 198 -14.12 36.52 -20.49
N TYR A 199 -14.00 36.20 -19.21
CA TYR A 199 -15.09 36.38 -18.26
C TYR A 199 -14.57 36.96 -16.95
N MET A 200 -15.50 37.32 -16.07
CA MET A 200 -15.16 37.96 -14.82
C MET A 200 -15.73 37.17 -13.65
N GLU A 201 -14.96 37.07 -12.58
CA GLU A 201 -15.41 36.47 -11.33
C GLU A 201 -15.07 37.39 -10.19
N LYS A 202 -15.82 37.29 -9.08
CA LYS A 202 -15.41 37.87 -7.81
C LYS A 202 -14.06 37.28 -7.44
N TYR A 203 -13.11 38.14 -7.08
CA TYR A 203 -11.80 37.66 -6.64
C TYR A 203 -11.83 37.20 -5.20
N LEU A 204 -11.42 35.95 -4.98
CA LEU A 204 -11.29 35.39 -3.63
C LEU A 204 -9.83 35.48 -3.22
N GLU A 205 -9.58 36.13 -2.07
CA GLU A 205 -8.22 36.49 -1.64
C GLU A 205 -7.34 35.31 -1.24
N ASN A 206 -7.87 34.44 -0.38
CA ASN A 206 -7.08 33.32 0.16
C ASN A 206 -7.84 31.98 0.22
N PRO A 207 -8.36 31.52 -0.93
CA PRO A 207 -9.10 30.27 -0.94
C PRO A 207 -8.19 29.04 -0.91
N ARG A 208 -8.78 27.88 -0.64
CA ARG A 208 -8.10 26.61 -0.79
C ARG A 208 -8.60 25.96 -2.09
N HIS A 209 -7.77 25.11 -2.70
CA HIS A 209 -8.19 24.33 -3.85
C HIS A 209 -8.73 22.99 -3.35
N VAL A 210 -10.05 22.83 -3.44
CA VAL A 210 -10.70 21.58 -3.06
C VAL A 210 -11.49 21.04 -4.24
N GLU A 211 -11.13 19.86 -4.71
CA GLU A 211 -11.76 19.25 -5.87
C GLU A 211 -12.48 17.95 -5.53
N ILE A 212 -13.59 17.70 -6.22
CA ILE A 212 -14.41 16.51 -6.00
C ILE A 212 -14.21 15.50 -7.13
N GLN A 213 -13.90 14.26 -6.76
CA GLN A 213 -13.78 13.17 -7.71
C GLN A 213 -15.14 12.55 -8.01
N VAL A 214 -15.48 12.42 -9.29
CA VAL A 214 -16.70 11.72 -9.70
C VAL A 214 -16.41 10.52 -10.60
N LEU A 215 -17.36 9.59 -10.64
CA LEU A 215 -17.40 8.52 -11.63
C LEU A 215 -18.82 8.41 -12.14
N ALA A 216 -18.97 8.24 -13.45
CA ALA A 216 -20.28 8.01 -14.04
C ALA A 216 -20.20 6.93 -15.12
N ASP A 217 -21.16 6.01 -15.11
CA ASP A 217 -21.20 4.95 -16.10
C ASP A 217 -22.22 5.24 -17.22
N GLY A 218 -22.39 4.30 -18.13
CA GLY A 218 -23.35 4.45 -19.21
C GLY A 218 -24.72 3.90 -18.87
N GLN A 219 -24.90 3.47 -17.62
CA GLN A 219 -26.18 3.00 -17.11
C GLN A 219 -26.93 4.05 -16.30
N GLY A 220 -26.36 5.24 -16.19
CA GLY A 220 -27.00 6.35 -15.51
C GLY A 220 -26.60 6.52 -14.05
N ASN A 221 -25.67 5.70 -13.59
CA ASN A 221 -25.13 5.86 -12.24
C ASN A 221 -24.04 6.92 -12.21
N ALA A 222 -24.08 7.78 -11.19
CA ALA A 222 -23.08 8.82 -10.99
C ALA A 222 -22.84 8.93 -9.50
N ILE A 223 -21.58 8.82 -9.11
CA ILE A 223 -21.20 8.86 -7.69
C ILE A 223 -20.07 9.87 -7.47
N TYR A 224 -19.93 10.32 -6.22
CA TYR A 224 -18.79 11.15 -5.84
C TYR A 224 -17.91 10.39 -4.85
N LEU A 225 -16.61 10.58 -4.97
CA LEU A 225 -15.64 9.86 -4.16
C LEU A 225 -14.82 10.87 -3.37
N ALA A 226 -15.51 11.56 -2.47
CA ALA A 226 -14.94 12.58 -1.61
C ALA A 226 -14.13 13.62 -2.37
N GLU A 227 -13.24 14.30 -1.65
CA GLU A 227 -12.55 15.45 -2.18
C GLU A 227 -11.04 15.32 -1.96
N ARG A 228 -10.30 16.21 -2.63
CA ARG A 228 -8.86 16.36 -2.47
C ARG A 228 -8.52 17.83 -2.28
N ASP A 229 -7.60 18.11 -1.37
CA ASP A 229 -7.05 19.45 -1.23
C ASP A 229 -5.73 19.53 -2.00
N CYS A 230 -5.67 20.46 -2.95
CA CYS A 230 -4.50 20.60 -3.82
C CYS A 230 -3.97 22.04 -3.79
N SER A 231 -4.04 22.66 -2.61
CA SER A 231 -3.66 24.06 -2.41
C SER A 231 -2.16 24.32 -2.49
N MET A 232 -1.35 23.33 -2.12
CA MET A 232 0.11 23.46 -2.11
C MET A 232 0.64 23.48 -3.55
N GLN A 233 0.97 24.68 -4.04
CA GLN A 233 1.29 24.91 -5.44
C GLN A 233 2.47 25.83 -5.66
N ARG A 234 3.20 25.60 -6.75
CA ARG A 234 4.17 26.59 -7.23
C ARG A 234 3.92 26.86 -8.70
N ARG A 235 3.74 28.13 -9.03
CA ARG A 235 3.36 28.58 -10.38
C ARG A 235 2.17 27.78 -10.94
N HIS A 236 1.16 27.62 -10.09
CA HIS A 236 -0.09 26.92 -10.40
C HIS A 236 0.07 25.40 -10.63
N GLN A 237 1.27 24.88 -10.35
CA GLN A 237 1.51 23.45 -10.41
C GLN A 237 1.40 22.86 -9.01
N LYS A 238 0.55 21.84 -8.87
CA LYS A 238 0.41 21.14 -7.59
C LYS A 238 1.72 20.48 -7.17
N VAL A 239 2.00 20.49 -5.87
CA VAL A 239 3.23 19.95 -5.32
C VAL A 239 2.87 18.83 -4.34
N VAL A 240 1.85 19.12 -3.51
CA VAL A 240 1.30 18.16 -2.56
C VAL A 240 -0.21 18.16 -2.71
N GLU A 241 -0.78 16.95 -2.71
CA GLU A 241 -2.23 16.78 -2.68
C GLU A 241 -2.58 15.84 -1.53
N GLU A 242 -3.79 15.98 -0.99
CA GLU A 242 -4.25 15.10 0.08
C GLU A 242 -5.75 14.86 0.05
N ALA A 243 -6.16 13.74 0.64
CA ALA A 243 -7.57 13.37 0.73
C ALA A 243 -7.83 12.66 2.06
N PRO A 244 -8.94 12.98 2.73
CA PRO A 244 -9.91 14.04 2.42
C PRO A 244 -9.29 15.40 2.70
N ALA A 245 -10.03 16.48 2.45
CA ALA A 245 -9.52 17.82 2.73
C ALA A 245 -9.75 18.15 4.20
N PRO A 246 -8.69 18.58 4.92
CA PRO A 246 -8.82 18.94 6.33
C PRO A 246 -9.89 20.02 6.56
N GLY A 247 -10.70 19.83 7.59
CA GLY A 247 -11.74 20.79 7.93
C GLY A 247 -13.07 20.53 7.25
N ILE A 248 -13.08 19.69 6.23
CA ILE A 248 -14.32 19.33 5.54
C ILE A 248 -15.07 18.27 6.35
N THR A 249 -16.26 18.65 6.81
CA THR A 249 -17.12 17.76 7.59
C THR A 249 -17.84 16.78 6.66
N PRO A 250 -18.32 15.64 7.19
CA PRO A 250 -19.17 14.75 6.39
C PRO A 250 -20.39 15.46 5.79
N GLU A 251 -20.92 16.45 6.51
CA GLU A 251 -22.09 17.22 6.06
C GLU A 251 -21.77 18.06 4.81
N LEU A 252 -20.65 18.79 4.86
CA LEU A 252 -20.17 19.56 3.71
C LEU A 252 -19.81 18.69 2.51
N ARG A 253 -19.15 17.57 2.79
CA ARG A 253 -18.78 16.58 1.77
C ARG A 253 -20.02 16.09 1.03
N ARG A 254 -20.99 15.62 1.80
CA ARG A 254 -22.28 15.17 1.29
C ARG A 254 -22.96 16.28 0.46
N TYR A 255 -23.01 17.49 1.01
CA TYR A 255 -23.65 18.64 0.35
C TYR A 255 -23.08 18.91 -1.05
N ILE A 256 -21.77 19.05 -1.13
CA ILE A 256 -21.10 19.38 -2.39
C ILE A 256 -21.05 18.17 -3.33
N GLY A 257 -20.78 17.00 -2.75
CA GLY A 257 -20.70 15.76 -3.52
C GLY A 257 -21.98 15.42 -4.25
N GLU A 258 -23.12 15.53 -3.56
CA GLU A 258 -24.42 15.24 -4.17
C GLU A 258 -24.73 16.17 -5.33
N ARG A 259 -24.29 17.43 -5.21
CA ARG A 259 -24.51 18.41 -6.27
C ARG A 259 -23.67 18.14 -7.52
N CYS A 260 -22.45 17.66 -7.29
CA CYS A 260 -21.56 17.25 -8.39
C CYS A 260 -22.11 16.03 -9.13
N ALA A 261 -22.55 15.05 -8.36
CA ALA A 261 -23.15 13.84 -8.93
C ALA A 261 -24.43 14.17 -9.72
N LYS A 262 -25.26 15.04 -9.16
CA LYS A 262 -26.48 15.49 -9.84
C LYS A 262 -26.16 16.21 -11.16
N ALA A 263 -25.13 17.06 -11.13
CA ALA A 263 -24.66 17.74 -12.33
C ALA A 263 -24.24 16.74 -13.42
N CYS A 264 -23.53 15.69 -13.03
CA CYS A 264 -23.12 14.62 -13.95
C CYS A 264 -24.33 14.00 -14.66
N VAL A 265 -25.39 13.72 -13.90
CA VAL A 265 -26.63 13.17 -14.46
C VAL A 265 -27.24 14.13 -15.48
N ASP A 266 -27.33 15.40 -15.09
CA ASP A 266 -27.91 16.46 -15.94
C ASP A 266 -27.20 16.60 -17.30
N ILE A 267 -25.88 16.53 -17.29
CA ILE A 267 -25.07 16.80 -18.48
C ILE A 267 -24.75 15.52 -19.28
N GLY A 268 -25.16 14.38 -18.76
CA GLY A 268 -24.86 13.09 -19.39
C GLY A 268 -23.37 12.77 -19.35
N TYR A 269 -22.75 13.02 -18.20
CA TYR A 269 -21.33 12.73 -18.01
C TYR A 269 -21.06 11.22 -18.00
N ARG A 270 -19.87 10.85 -18.46
CA ARG A 270 -19.45 9.45 -18.45
C ARG A 270 -17.96 9.35 -18.15
N GLY A 271 -17.60 8.43 -17.26
CA GLY A 271 -16.21 8.19 -16.91
C GLY A 271 -15.78 8.91 -15.63
N ALA A 272 -14.47 9.01 -15.42
CA ALA A 272 -13.93 9.78 -14.32
C ALA A 272 -13.97 11.27 -14.64
N GLY A 273 -14.14 12.10 -13.61
CA GLY A 273 -14.10 13.54 -13.76
C GLY A 273 -13.76 14.21 -12.44
N THR A 274 -13.30 15.46 -12.52
CA THR A 274 -12.97 16.23 -11.33
C THR A 274 -13.64 17.62 -11.38
N PHE A 275 -14.42 17.93 -10.34
CA PHE A 275 -14.97 19.28 -10.18
C PHE A 275 -14.02 20.05 -9.28
N GLU A 276 -13.39 21.10 -9.83
CA GLU A 276 -12.51 21.97 -9.04
C GLU A 276 -13.30 23.09 -8.40
N PHE A 277 -13.12 23.26 -7.10
CA PHE A 277 -13.74 24.36 -6.37
C PHE A 277 -12.68 25.21 -5.70
N LEU A 278 -12.96 26.51 -5.60
CA LEU A 278 -12.28 27.33 -4.62
C LEU A 278 -13.11 27.27 -3.35
N PHE A 279 -12.45 27.03 -2.23
CA PHE A 279 -13.10 26.90 -0.93
C PHE A 279 -12.57 27.97 0.01
N GLU A 280 -13.46 28.84 0.48
CA GLU A 280 -13.09 29.94 1.36
C GLU A 280 -14.25 30.28 2.30
N ASN A 281 -13.92 30.47 3.58
CA ASN A 281 -14.90 30.80 4.62
C ASN A 281 -16.09 29.83 4.67
N GLY A 282 -15.78 28.53 4.58
CA GLY A 282 -16.80 27.48 4.66
C GLY A 282 -17.66 27.28 3.43
N GLU A 283 -17.35 27.96 2.32
CA GLU A 283 -18.17 27.92 1.11
C GLU A 283 -17.41 27.39 -0.12
N PHE A 284 -18.07 26.55 -0.93
CA PHE A 284 -17.51 26.06 -2.19
C PHE A 284 -17.93 26.93 -3.36
N TYR A 285 -17.02 27.13 -4.30
CA TYR A 285 -17.30 27.86 -5.54
C TYR A 285 -16.66 27.14 -6.73
N PHE A 286 -17.49 26.60 -7.61
CA PHE A 286 -17.01 25.90 -8.80
C PHE A 286 -16.25 26.85 -9.72
N ILE A 287 -15.11 26.40 -10.23
CA ILE A 287 -14.32 27.18 -11.19
C ILE A 287 -14.11 26.45 -12.53
N GLU A 288 -13.80 25.16 -12.46
CA GLU A 288 -13.56 24.36 -13.67
C GLU A 288 -13.73 22.86 -13.43
N MET A 289 -14.01 22.14 -14.50
CA MET A 289 -14.08 20.68 -14.47
C MET A 289 -13.04 20.08 -15.39
N ASN A 290 -12.29 19.11 -14.87
CA ASN A 290 -11.39 18.29 -15.68
C ASN A 290 -12.05 16.96 -15.99
N THR A 291 -11.90 16.51 -17.24
CA THR A 291 -12.58 15.28 -17.68
C THR A 291 -11.67 14.06 -17.66
N ARG A 292 -10.37 14.31 -17.53
CA ARG A 292 -9.37 13.26 -17.51
C ARG A 292 -9.27 12.63 -16.11
N ILE A 293 -8.64 11.46 -16.03
CA ILE A 293 -8.05 11.01 -14.76
C ILE A 293 -6.87 11.93 -14.48
N GLN A 294 -6.69 12.34 -13.24
CA GLN A 294 -5.65 13.30 -12.92
C GLN A 294 -4.46 12.70 -12.19
N VAL A 295 -3.36 13.45 -12.20
CA VAL A 295 -2.14 13.11 -11.49
C VAL A 295 -2.43 12.63 -10.06
N GLU A 296 -3.30 13.37 -9.37
CA GLU A 296 -3.50 13.22 -7.94
C GLU A 296 -4.55 12.17 -7.54
N HIS A 297 -5.03 11.40 -8.52
CA HIS A 297 -6.06 10.38 -8.27
C HIS A 297 -5.78 9.33 -7.18
N PRO A 298 -4.49 8.93 -7.00
CA PRO A 298 -4.19 7.91 -5.98
C PRO A 298 -4.58 8.22 -4.53
N VAL A 299 -4.59 9.49 -4.10
CA VAL A 299 -5.02 9.79 -2.72
C VAL A 299 -6.49 9.42 -2.47
N THR A 300 -7.32 9.60 -3.50
CA THR A 300 -8.73 9.22 -3.47
C THR A 300 -8.90 7.70 -3.44
N GLU A 301 -8.08 7.00 -4.20
CA GLU A 301 -8.08 5.53 -4.19
C GLU A 301 -7.77 5.00 -2.79
N MET A 302 -6.81 5.62 -2.10
CA MET A 302 -6.37 5.13 -0.80
C MET A 302 -7.46 5.23 0.26
N ILE A 303 -8.24 6.31 0.23
CA ILE A 303 -9.25 6.57 1.25
C ILE A 303 -10.62 5.96 0.95
N THR A 304 -10.83 5.50 -0.28
CA THR A 304 -12.11 4.90 -0.69
C THR A 304 -11.98 3.41 -1.06
N GLY A 305 -10.77 2.99 -1.39
CA GLY A 305 -10.53 1.62 -1.86
C GLY A 305 -10.89 1.39 -3.32
N VAL A 306 -11.36 2.44 -3.99
CA VAL A 306 -11.78 2.32 -5.38
C VAL A 306 -10.62 2.54 -6.35
N ASP A 307 -10.38 1.55 -7.20
CA ASP A 307 -9.38 1.65 -8.25
C ASP A 307 -10.02 2.43 -9.41
N LEU A 308 -9.63 3.69 -9.53
CA LEU A 308 -10.28 4.61 -10.47
C LEU A 308 -9.98 4.30 -11.94
N ILE A 309 -8.76 3.82 -12.22
CA ILE A 309 -8.38 3.46 -13.59
C ILE A 309 -9.17 2.23 -14.05
N LYS A 310 -9.25 1.21 -13.20
CA LYS A 310 -10.07 0.04 -13.51
C LYS A 310 -11.53 0.43 -13.76
N GLU A 311 -12.05 1.36 -12.96
CA GLU A 311 -13.40 1.91 -13.19
C GLU A 311 -13.54 2.57 -14.55
N GLN A 312 -12.55 3.37 -14.96
CA GLN A 312 -12.55 3.98 -16.30
C GLN A 312 -12.70 2.92 -17.39
N LEU A 313 -11.92 1.85 -17.26
CA LEU A 313 -11.90 0.77 -18.25
C LEU A 313 -13.19 -0.04 -18.23
N ARG A 314 -13.70 -0.31 -17.03
CA ARG A 314 -15.00 -0.99 -16.88
C ARG A 314 -16.12 -0.16 -17.52
N ILE A 315 -16.12 1.15 -17.23
CA ILE A 315 -17.09 2.09 -17.81
C ILE A 315 -17.03 2.08 -19.35
N ALA A 316 -15.82 2.13 -19.90
CA ALA A 316 -15.62 2.15 -21.35
C ALA A 316 -16.11 0.87 -22.03
N ALA A 317 -15.99 -0.26 -21.33
CA ALA A 317 -16.45 -1.56 -21.84
C ALA A 317 -17.98 -1.72 -21.80
N GLY A 318 -18.65 -0.85 -21.04
CA GLY A 318 -20.10 -0.92 -20.90
C GLY A 318 -20.56 -1.52 -19.58
N GLN A 319 -19.64 -1.67 -18.64
CA GLN A 319 -19.96 -2.20 -17.33
C GLN A 319 -20.42 -1.08 -16.40
N PRO A 320 -21.35 -1.38 -15.47
CA PRO A 320 -21.74 -0.36 -14.51
C PRO A 320 -20.65 -0.15 -13.46
N LEU A 321 -20.76 0.95 -12.71
CA LEU A 321 -19.84 1.21 -11.60
C LEU A 321 -19.86 0.03 -10.65
N SER A 322 -18.68 -0.39 -10.18
CA SER A 322 -18.55 -1.55 -9.31
C SER A 322 -19.07 -1.28 -7.88
N ILE A 323 -19.25 0.00 -7.55
CA ILE A 323 -19.76 0.42 -6.24
C ILE A 323 -20.89 1.45 -6.35
N LYS A 324 -21.81 1.40 -5.38
CA LYS A 324 -22.87 2.38 -5.26
C LYS A 324 -22.44 3.46 -4.27
N GLN A 325 -23.12 4.60 -4.28
CA GLN A 325 -22.80 5.71 -3.39
C GLN A 325 -22.78 5.29 -1.92
N GLU A 326 -23.79 4.50 -1.51
CA GLU A 326 -23.94 4.05 -0.13
C GLU A 326 -22.81 3.11 0.31
N GLU A 327 -22.05 2.62 -0.67
CA GLU A 327 -20.90 1.76 -0.43
C GLU A 327 -19.57 2.53 -0.43
N VAL A 328 -19.62 3.82 -0.73
CA VAL A 328 -18.42 4.67 -0.73
C VAL A 328 -18.24 5.32 0.65
N HIS A 329 -17.13 5.01 1.30
CA HIS A 329 -16.83 5.52 2.64
C HIS A 329 -15.41 6.08 2.72
N VAL A 330 -15.29 7.30 3.25
CA VAL A 330 -13.98 7.88 3.55
C VAL A 330 -13.42 7.17 4.77
N ARG A 331 -12.25 6.55 4.58
CA ARG A 331 -11.54 5.93 5.69
C ARG A 331 -10.07 6.34 5.65
N GLY A 332 -9.59 6.84 6.79
CA GLY A 332 -8.20 7.25 6.91
C GLY A 332 -7.88 8.52 6.14
N HIS A 333 -6.60 8.71 5.83
CA HIS A 333 -6.12 9.91 5.18
C HIS A 333 -4.93 9.56 4.32
N ALA A 334 -4.80 10.24 3.17
CA ALA A 334 -3.66 10.00 2.28
C ALA A 334 -3.07 11.31 1.80
N VAL A 335 -1.74 11.32 1.67
CA VAL A 335 -0.99 12.47 1.18
C VAL A 335 -0.15 12.00 -0.01
N GLU A 336 -0.07 12.86 -1.04
CA GLU A 336 0.80 12.59 -2.18
C GLU A 336 1.84 13.70 -2.31
N CYS A 337 3.09 13.29 -2.44
CA CYS A 337 4.17 14.21 -2.77
C CYS A 337 4.63 13.92 -4.19
N ARG A 338 4.58 14.94 -5.05
CA ARG A 338 5.08 14.81 -6.41
C ARG A 338 6.60 14.87 -6.39
N ILE A 339 7.24 13.92 -7.05
CA ILE A 339 8.69 13.91 -7.18
C ILE A 339 9.08 14.44 -8.55
N ASN A 340 9.79 15.57 -8.57
CA ASN A 340 10.21 16.22 -9.79
C ASN A 340 11.71 16.18 -9.96
N ALA A 341 12.17 15.91 -11.18
CA ALA A 341 13.57 16.10 -11.53
C ALA A 341 13.73 17.58 -11.86
N GLU A 342 14.17 18.35 -10.86
CA GLU A 342 14.27 19.81 -10.96
C GLU A 342 15.41 20.35 -10.11
N ASP A 343 15.98 21.46 -10.55
CA ASP A 343 17.01 22.17 -9.80
C ASP A 343 16.34 22.89 -8.62
N PRO A 344 16.89 22.75 -7.41
CA PRO A 344 16.32 23.34 -6.20
C PRO A 344 16.35 24.87 -6.14
N ASN A 345 17.24 25.48 -6.93
CA ASN A 345 17.42 26.93 -6.89
C ASN A 345 16.73 27.67 -8.04
N THR A 346 16.71 27.05 -9.22
CA THR A 346 16.08 27.65 -10.40
C THR A 346 14.66 27.12 -10.64
N PHE A 347 14.37 25.94 -10.08
CA PHE A 347 13.12 25.20 -10.32
C PHE A 347 12.91 24.78 -11.78
N LEU A 348 13.98 24.86 -12.57
CA LEU A 348 13.98 24.38 -13.95
C LEU A 348 14.13 22.85 -13.96
N PRO A 349 13.58 22.18 -14.99
CA PRO A 349 13.74 20.74 -15.10
C PRO A 349 15.21 20.33 -15.07
N SER A 350 15.51 19.23 -14.39
CA SER A 350 16.88 18.73 -14.30
C SER A 350 16.97 17.28 -14.80
N PRO A 351 16.92 17.09 -16.14
CA PRO A 351 16.99 15.74 -16.70
C PRO A 351 18.39 15.14 -16.59
N GLY A 352 18.50 13.85 -16.89
CA GLY A 352 19.78 13.15 -16.83
C GLY A 352 19.61 11.69 -16.42
N LYS A 353 20.73 11.02 -16.24
CA LYS A 353 20.72 9.59 -15.93
C LYS A 353 20.70 9.34 -14.42
N ILE A 354 19.73 8.56 -13.97
CA ILE A 354 19.66 8.11 -12.59
C ILE A 354 20.72 7.01 -12.37
N THR A 355 21.60 7.24 -11.41
CA THR A 355 22.74 6.33 -11.17
C THR A 355 22.45 5.30 -10.08
N ARG A 356 21.80 5.75 -9.00
CA ARG A 356 21.35 4.86 -7.94
C ARG A 356 19.90 5.19 -7.66
N PHE A 357 19.08 4.17 -7.47
CA PHE A 357 17.69 4.35 -7.13
C PHE A 357 17.23 3.38 -6.07
N HIS A 358 16.48 3.89 -5.10
CA HIS A 358 15.81 3.05 -4.11
C HIS A 358 14.46 3.61 -3.72
N ALA A 359 13.42 2.78 -3.88
CA ALA A 359 12.06 3.17 -3.54
C ALA A 359 11.76 2.85 -2.08
N PRO A 360 10.96 3.71 -1.40
CA PRO A 360 10.57 3.40 -0.04
C PRO A 360 9.52 2.29 -0.02
N GLY A 361 9.38 1.61 1.12
CA GLY A 361 8.39 0.55 1.27
C GLY A 361 7.70 0.67 2.61
N GLY A 362 6.91 -0.34 2.96
CA GLY A 362 6.25 -0.39 4.26
C GLY A 362 4.74 -0.24 4.21
N PHE A 363 4.13 -0.36 5.38
CA PHE A 363 2.68 -0.25 5.55
C PHE A 363 2.21 1.15 5.18
N GLY A 364 1.23 1.21 4.27
CA GLY A 364 0.63 2.46 3.87
C GLY A 364 1.45 3.26 2.86
N VAL A 365 2.51 2.66 2.33
CA VAL A 365 3.42 3.35 1.42
C VAL A 365 3.18 2.89 -0.03
N ARG A 366 2.91 3.86 -0.91
CA ARG A 366 2.63 3.59 -2.31
C ARG A 366 3.55 4.44 -3.20
N TRP A 367 4.30 3.76 -4.06
CA TRP A 367 5.25 4.43 -4.95
C TRP A 367 4.77 4.27 -6.40
N GLU A 368 4.48 5.40 -7.04
CA GLU A 368 3.99 5.42 -8.43
C GLU A 368 5.02 6.05 -9.35
N SER A 369 5.85 5.23 -10.00
CA SER A 369 6.92 5.73 -10.87
C SER A 369 7.47 4.68 -11.82
N HIS A 370 7.85 5.16 -13.00
CA HIS A 370 8.52 4.36 -14.02
C HIS A 370 10.04 4.31 -13.84
N ILE A 371 10.59 5.14 -12.97
CA ILE A 371 12.04 5.28 -12.87
C ILE A 371 12.73 4.06 -12.27
N TYR A 372 13.96 3.83 -12.70
CA TYR A 372 14.79 2.75 -12.19
C TYR A 372 16.25 3.15 -12.28
N ALA A 373 17.13 2.40 -11.61
CA ALA A 373 18.56 2.67 -11.67
C ALA A 373 19.08 2.48 -13.09
N GLY A 374 19.75 3.49 -13.62
CA GLY A 374 20.25 3.45 -14.99
C GLY A 374 19.33 4.12 -15.99
N TYR A 375 18.11 4.45 -15.56
CA TYR A 375 17.14 5.13 -16.42
C TYR A 375 17.53 6.60 -16.64
N THR A 376 17.42 7.04 -17.89
CA THR A 376 17.65 8.45 -18.21
C THR A 376 16.33 9.19 -18.35
N VAL A 377 16.18 10.22 -17.53
CA VAL A 377 15.06 11.15 -17.64
C VAL A 377 15.33 12.05 -18.86
N PRO A 378 14.49 11.94 -19.91
CA PRO A 378 14.68 12.75 -21.12
C PRO A 378 14.31 14.22 -20.88
N PRO A 379 14.95 15.15 -21.63
CA PRO A 379 14.66 16.57 -21.47
C PRO A 379 13.36 17.05 -22.11
N TYR A 380 12.71 16.18 -22.89
CA TYR A 380 11.60 16.61 -23.77
C TYR A 380 10.23 16.69 -23.11
N TYR A 381 10.11 16.14 -21.91
CA TYR A 381 8.80 15.97 -21.26
C TYR A 381 8.72 16.64 -19.89
N ASP A 382 7.63 16.40 -19.16
CA ASP A 382 7.38 17.02 -17.85
C ASP A 382 8.41 16.57 -16.80
N SER A 383 8.64 17.43 -15.81
CA SER A 383 9.67 17.18 -14.80
C SER A 383 9.28 16.12 -13.77
N MET A 384 7.98 15.83 -13.66
CA MET A 384 7.49 14.85 -12.70
C MET A 384 7.87 13.43 -13.10
N ILE A 385 8.68 12.80 -12.25
CA ILE A 385 9.22 11.47 -12.51
C ILE A 385 8.62 10.43 -11.58
N GLY A 386 7.91 10.88 -10.55
CA GLY A 386 7.30 9.96 -9.59
C GLY A 386 6.30 10.59 -8.63
N LYS A 387 5.53 9.73 -7.99
CA LYS A 387 4.55 10.14 -7.00
C LYS A 387 4.66 9.24 -5.78
N LEU A 388 4.91 9.84 -4.63
CA LEU A 388 4.93 9.11 -3.37
C LEU A 388 3.61 9.37 -2.64
N ILE A 389 2.87 8.29 -2.38
CA ILE A 389 1.58 8.39 -1.71
C ILE A 389 1.63 7.59 -0.42
N CYS A 390 1.34 8.25 0.70
CA CYS A 390 1.29 7.58 1.99
C CYS A 390 -0.08 7.69 2.62
N TYR A 391 -0.56 6.56 3.13
CA TYR A 391 -1.86 6.46 3.76
C TYR A 391 -1.70 6.13 5.24
N GLY A 392 -2.58 6.72 6.06
CA GLY A 392 -2.68 6.35 7.48
C GLY A 392 -4.12 6.42 7.97
N GLU A 393 -4.35 5.89 9.17
CA GLU A 393 -5.68 5.93 9.80
C GLU A 393 -6.13 7.37 10.11
N ASN A 394 -5.18 8.28 10.21
CA ASN A 394 -5.46 9.72 10.30
C ASN A 394 -4.39 10.54 9.57
N ARG A 395 -4.61 11.84 9.45
CA ARG A 395 -3.67 12.72 8.74
C ARG A 395 -2.26 12.71 9.33
N ASP A 396 -2.16 12.70 10.66
CA ASP A 396 -0.86 12.71 11.33
C ASP A 396 -0.02 11.48 11.00
N VAL A 397 -0.67 10.32 10.96
CA VAL A 397 -0.01 9.07 10.55
C VAL A 397 0.44 9.12 9.09
N ALA A 398 -0.44 9.62 8.20
CA ALA A 398 -0.10 9.77 6.79
C ALA A 398 1.15 10.63 6.58
N ILE A 399 1.23 11.75 7.29
CA ILE A 399 2.38 12.66 7.21
C ILE A 399 3.65 12.04 7.83
N ALA A 400 3.49 11.34 8.95
CA ALA A 400 4.61 10.63 9.59
C ALA A 400 5.21 9.60 8.65
N ARG A 401 4.35 8.81 8.01
CA ARG A 401 4.78 7.81 7.02
C ARG A 401 5.44 8.46 5.81
N MET A 402 4.91 9.60 5.37
CA MET A 402 5.51 10.35 4.26
C MET A 402 6.93 10.80 4.58
N LYS A 403 7.14 11.31 5.79
CA LYS A 403 8.46 11.73 6.25
C LYS A 403 9.45 10.57 6.21
N ASN A 404 9.04 9.41 6.73
CA ASN A 404 9.89 8.23 6.74
C ASN A 404 10.18 7.75 5.32
N ALA A 405 9.14 7.73 4.49
CA ALA A 405 9.24 7.26 3.11
C ALA A 405 10.17 8.15 2.27
N LEU A 406 10.06 9.47 2.46
CA LEU A 406 10.92 10.42 1.77
C LEU A 406 12.39 10.24 2.13
N GLN A 407 12.66 9.84 3.37
CA GLN A 407 14.03 9.61 3.83
C GLN A 407 14.63 8.31 3.29
N GLU A 408 13.77 7.38 2.90
CA GLU A 408 14.20 6.13 2.29
C GLU A 408 14.44 6.27 0.80
N LEU A 409 13.77 7.24 0.20
CA LEU A 409 13.82 7.45 -1.24
C LEU A 409 15.18 7.96 -1.67
N ILE A 410 15.85 7.16 -2.49
CA ILE A 410 17.15 7.53 -3.06
C ILE A 410 17.01 7.69 -4.57
N ILE A 411 17.34 8.89 -5.07
CA ILE A 411 17.45 9.12 -6.51
C ILE A 411 18.72 9.90 -6.77
N ASP A 412 19.79 9.19 -7.12
CA ASP A 412 21.09 9.83 -7.36
C ASP A 412 21.32 10.03 -8.86
N GLY A 413 22.17 10.99 -9.20
CA GLY A 413 22.54 11.26 -10.59
C GLY A 413 21.81 12.45 -11.18
N ILE A 414 20.64 12.77 -10.61
CA ILE A 414 19.85 13.92 -11.02
C ILE A 414 19.40 14.70 -9.78
N LYS A 415 19.07 15.98 -9.98
CA LYS A 415 18.54 16.81 -8.89
C LYS A 415 17.04 16.58 -8.78
N THR A 416 16.55 16.44 -7.54
CA THR A 416 15.12 16.23 -7.29
C THR A 416 14.61 17.16 -6.19
N ASN A 417 13.29 17.23 -6.07
CA ASN A 417 12.64 18.04 -5.04
C ASN A 417 12.36 17.27 -3.73
N VAL A 418 13.03 16.14 -3.53
CA VAL A 418 12.82 15.33 -2.32
C VAL A 418 13.06 16.17 -1.05
N ASP A 419 14.14 16.94 -1.03
CA ASP A 419 14.47 17.81 0.11
C ASP A 419 13.39 18.86 0.39
N LEU A 420 12.84 19.45 -0.66
CA LEU A 420 11.74 20.40 -0.51
C LEU A 420 10.49 19.72 0.06
N GLN A 421 10.18 18.52 -0.44
CA GLN A 421 9.03 17.76 0.05
C GLN A 421 9.14 17.48 1.56
N ILE A 422 10.35 17.11 2.00
CA ILE A 422 10.64 16.91 3.42
C ILE A 422 10.37 18.19 4.23
N ARG A 423 10.84 19.33 3.71
CA ARG A 423 10.60 20.65 4.31
C ARG A 423 9.10 20.94 4.47
N ILE A 424 8.33 20.64 3.42
CA ILE A 424 6.88 20.86 3.45
C ILE A 424 6.21 19.97 4.50
N MET A 425 6.61 18.69 4.54
CA MET A 425 6.07 17.76 5.54
C MET A 425 6.34 18.24 6.97
N ASN A 426 7.47 18.92 7.15
CA ASN A 426 7.89 19.43 8.46
C ASN A 426 7.41 20.86 8.77
N ASP A 427 6.75 21.48 7.78
CA ASP A 427 6.19 22.84 7.92
C ASP A 427 5.01 22.84 8.90
N GLU A 428 5.09 23.68 9.92
CA GLU A 428 4.09 23.68 11.00
C GLU A 428 2.69 24.09 10.56
N ASN A 429 2.60 24.92 9.52
CA ASN A 429 1.30 25.31 8.96
C ASN A 429 0.67 24.18 8.16
N PHE A 430 1.49 23.46 7.37
CA PHE A 430 1.02 22.24 6.72
C PHE A 430 0.59 21.20 7.75
N GLN A 431 1.37 21.06 8.82
CA GLN A 431 1.06 20.09 9.87
C GLN A 431 -0.26 20.42 10.59
N HIS A 432 -0.54 21.72 10.74
CA HIS A 432 -1.84 22.18 11.24
C HIS A 432 -2.94 21.85 10.22
N GLY A 433 -2.65 22.12 8.95
CA GLY A 433 -3.58 21.81 7.87
C GLY A 433 -4.36 23.02 7.39
N GLY A 434 -4.88 22.94 6.16
CA GLY A 434 -5.73 23.97 5.60
C GLY A 434 -5.03 25.21 5.09
N THR A 435 -3.75 25.09 4.74
CA THR A 435 -3.02 26.18 4.10
C THR A 435 -3.67 26.51 2.76
N ASN A 436 -3.63 27.78 2.38
CA ASN A 436 -4.32 28.25 1.17
C ASN A 436 -3.44 28.15 -0.08
N ILE A 437 -4.02 28.48 -1.24
CA ILE A 437 -3.36 28.30 -2.55
C ILE A 437 -2.08 29.13 -2.74
N HIS A 438 -1.90 30.15 -1.89
CA HIS A 438 -0.75 31.04 -1.99
C HIS A 438 0.38 30.68 -1.03
N TYR A 439 0.13 29.71 -0.14
CA TYR A 439 1.05 29.43 0.95
C TYR A 439 2.49 29.08 0.54
N LEU A 440 2.65 28.13 -0.38
CA LEU A 440 3.98 27.64 -0.72
C LEU A 440 4.91 28.73 -1.28
N GLU A 441 4.41 29.50 -2.23
CA GLU A 441 5.18 30.58 -2.83
C GLU A 441 5.54 31.68 -1.82
N LYS A 442 4.64 31.94 -0.86
CA LYS A 442 4.94 32.84 0.26
C LYS A 442 6.05 32.28 1.15
N LYS A 443 5.92 31.02 1.54
CA LYS A 443 6.91 30.33 2.37
C LYS A 443 8.31 30.32 1.74
N LEU A 444 8.38 30.02 0.45
CA LEU A 444 9.65 29.96 -0.28
C LEU A 444 10.28 31.34 -0.48
N GLY A 445 9.43 32.36 -0.66
CA GLY A 445 9.89 33.74 -0.82
C GLY A 445 10.40 34.36 0.47
N LEU A 446 9.95 33.82 1.60
CA LEU A 446 10.41 34.26 2.92
C LEU A 446 11.70 33.54 3.31
N GLN A 447 12.46 34.02 4.16
N MET B 1 5.08 7.06 25.70
CA MET B 1 5.76 6.40 24.54
C MET B 1 7.25 6.15 24.84
N LEU B 2 7.75 5.00 24.39
CA LEU B 2 9.14 4.60 24.61
C LEU B 2 10.12 5.58 23.97
N ASP B 3 11.12 6.01 24.74
CA ASP B 3 12.09 7.00 24.27
C ASP B 3 13.03 6.42 23.21
N LYS B 4 13.51 5.22 23.49
CA LYS B 4 14.56 4.59 22.69
C LYS B 4 14.50 3.09 22.86
N ILE B 5 14.56 2.37 21.74
CA ILE B 5 14.55 0.91 21.78
C ILE B 5 15.69 0.30 20.98
N VAL B 6 16.13 -0.87 21.43
CA VAL B 6 17.04 -1.72 20.68
C VAL B 6 16.18 -2.65 19.83
N ILE B 7 16.54 -2.73 18.55
CA ILE B 7 15.93 -3.70 17.65
C ILE B 7 16.87 -4.91 17.64
N ALA B 8 16.52 -5.92 18.43
CA ALA B 8 17.34 -7.12 18.57
C ALA B 8 17.00 -8.13 17.48
N ASN B 9 17.20 -7.71 16.24
CA ASN B 9 16.96 -8.55 15.08
C ASN B 9 17.67 -7.97 13.85
N ARG B 10 17.34 -8.50 12.68
CA ARG B 10 18.00 -8.11 11.44
C ARG B 10 17.01 -8.20 10.27
N GLY B 11 17.51 -7.93 9.07
CA GLY B 11 16.76 -8.19 7.84
C GLY B 11 15.49 -7.37 7.73
N GLU B 12 14.47 -7.99 7.14
CA GLU B 12 13.21 -7.27 6.86
C GLU B 12 12.46 -6.86 8.13
N ILE B 13 12.44 -7.72 9.14
CA ILE B 13 11.68 -7.44 10.37
C ILE B 13 12.29 -6.28 11.17
N ALA B 14 13.61 -6.19 11.15
CA ALA B 14 14.30 -5.09 11.82
C ALA B 14 13.91 -3.75 11.17
N LEU B 15 13.83 -3.77 9.84
CA LEU B 15 13.39 -2.60 9.08
C LEU B 15 11.92 -2.28 9.34
N ARG B 16 11.09 -3.31 9.40
CA ARG B 16 9.67 -3.18 9.75
C ARG B 16 9.50 -2.47 11.10
N ILE B 17 10.26 -2.93 12.09
CA ILE B 17 10.24 -2.36 13.44
C ILE B 17 10.77 -0.93 13.47
N LEU B 18 11.87 -0.68 12.74
CA LEU B 18 12.44 0.66 12.65
C LEU B 18 11.42 1.68 12.11
N ARG B 19 10.68 1.31 11.06
CA ARG B 19 9.69 2.19 10.46
C ARG B 19 8.58 2.58 11.45
N ALA B 20 8.09 1.59 12.19
CA ALA B 20 7.08 1.81 13.23
C ALA B 20 7.59 2.74 14.34
N CYS B 21 8.84 2.53 14.76
CA CYS B 21 9.48 3.41 15.74
C CYS B 21 9.55 4.85 15.24
N LYS B 22 10.00 5.03 14.01
CA LYS B 22 10.12 6.36 13.41
C LYS B 22 8.78 7.08 13.35
N GLU B 23 7.73 6.35 12.97
CA GLU B 23 6.37 6.87 12.95
C GLU B 23 5.90 7.35 14.33
N LEU B 24 6.34 6.64 15.38
CA LEU B 24 5.95 6.99 16.75
C LEU B 24 6.93 7.94 17.46
N GLY B 25 8.02 8.28 16.77
CA GLY B 25 9.04 9.17 17.33
C GLY B 25 9.94 8.49 18.34
N ILE B 26 10.02 7.17 18.25
CA ILE B 26 10.86 6.37 19.13
C ILE B 26 12.25 6.27 18.52
N LYS B 27 13.27 6.62 19.30
CA LYS B 27 14.67 6.53 18.83
C LYS B 27 15.06 5.07 18.67
N THR B 28 15.90 4.79 17.67
CA THR B 28 16.27 3.41 17.36
C THR B 28 17.76 3.14 17.58
N VAL B 29 18.04 1.98 18.18
CA VAL B 29 19.38 1.45 18.26
C VAL B 29 19.42 0.15 17.44
N ALA B 30 20.25 0.13 16.41
CA ALA B 30 20.41 -1.06 15.60
C ALA B 30 21.62 -1.85 16.07
N VAL B 31 21.37 -2.98 16.72
CA VAL B 31 22.45 -3.92 17.03
C VAL B 31 22.62 -4.86 15.85
N HIS B 32 23.87 -5.08 15.44
CA HIS B 32 24.14 -5.89 14.25
C HIS B 32 25.43 -6.66 14.38
N SER B 33 25.52 -7.78 13.66
CA SER B 33 26.79 -8.49 13.49
C SER B 33 27.71 -7.70 12.57
N SER B 34 28.99 -8.07 12.54
CA SER B 34 29.96 -7.44 11.65
C SER B 34 29.61 -7.63 10.18
N ALA B 35 28.86 -8.70 9.88
CA ALA B 35 28.44 -9.01 8.52
C ALA B 35 27.24 -8.18 8.05
N ASP B 36 26.55 -7.56 9.01
CA ASP B 36 25.28 -6.86 8.74
C ASP B 36 25.41 -5.35 8.85
N ARG B 37 26.65 -4.86 8.72
CA ARG B 37 26.97 -3.44 8.80
C ARG B 37 26.15 -2.61 7.81
N ASP B 38 25.88 -3.20 6.65
CA ASP B 38 25.23 -2.49 5.55
C ASP B 38 23.76 -2.85 5.35
N LEU B 39 23.13 -3.42 6.39
CA LEU B 39 21.68 -3.62 6.39
C LEU B 39 20.97 -2.28 6.27
N LYS B 40 19.88 -2.25 5.51
CA LYS B 40 19.11 -1.02 5.31
C LYS B 40 18.72 -0.34 6.63
N HIS B 41 18.19 -1.13 7.59
CA HIS B 41 17.72 -0.55 8.85
C HIS B 41 18.88 -0.02 9.70
N VAL B 42 20.03 -0.68 9.63
CA VAL B 42 21.26 -0.22 10.31
C VAL B 42 21.66 1.16 9.78
N LEU B 43 21.59 1.33 8.46
CA LEU B 43 21.90 2.60 7.82
C LEU B 43 20.89 3.71 8.12
N LEU B 44 19.67 3.32 8.48
CA LEU B 44 18.61 4.29 8.80
C LEU B 44 18.45 4.56 10.30
N ALA B 45 19.03 3.70 11.12
CA ALA B 45 18.91 3.79 12.58
C ALA B 45 19.59 5.02 13.16
N ASP B 46 19.07 5.49 14.30
CA ASP B 46 19.63 6.66 14.98
C ASP B 46 21.01 6.37 15.56
N GLU B 47 21.17 5.17 16.12
CA GLU B 47 22.43 4.71 16.69
C GLU B 47 22.65 3.26 16.29
N THR B 48 23.92 2.88 16.15
CA THR B 48 24.28 1.51 15.81
C THR B 48 25.34 0.96 16.77
N VAL B 49 25.25 -0.32 17.07
CA VAL B 49 26.25 -1.01 17.87
C VAL B 49 26.52 -2.37 17.23
N CYS B 50 27.78 -2.63 16.89
CA CYS B 50 28.18 -3.97 16.46
C CYS B 50 28.30 -4.86 17.69
N ILE B 51 27.52 -5.94 17.71
CA ILE B 51 27.43 -6.81 18.88
C ILE B 51 28.21 -8.12 18.76
N GLY B 52 28.98 -8.27 17.68
CA GLY B 52 29.85 -9.43 17.51
C GLY B 52 30.05 -9.85 16.06
N PRO B 53 30.88 -10.88 15.83
CA PRO B 53 31.12 -11.42 14.49
C PRO B 53 29.89 -12.07 13.86
N ALA B 54 30.04 -12.53 12.62
CA ALA B 54 28.93 -13.00 11.78
C ALA B 54 27.97 -14.05 12.38
N PRO B 55 28.50 -15.17 12.94
CA PRO B 55 27.58 -16.23 13.40
C PRO B 55 26.58 -15.73 14.44
N SER B 56 25.32 -16.14 14.29
CA SER B 56 24.25 -15.68 15.19
C SER B 56 24.59 -15.93 16.65
N VAL B 57 25.22 -17.07 16.94
CA VAL B 57 25.62 -17.42 18.30
C VAL B 57 26.53 -16.35 18.94
N LYS B 58 27.30 -15.67 18.09
CA LYS B 58 28.26 -14.65 18.54
C LYS B 58 27.64 -13.25 18.58
N SER B 59 26.48 -13.11 17.96
CA SER B 59 25.85 -11.80 17.80
C SER B 59 24.38 -11.80 18.20
N TYR B 60 23.48 -12.16 17.28
CA TYR B 60 22.03 -12.02 17.51
C TYR B 60 21.45 -12.91 18.61
N LEU B 61 22.21 -13.95 18.98
CA LEU B 61 21.82 -14.85 20.06
C LEU B 61 22.64 -14.60 21.33
N ASN B 62 23.50 -13.58 21.28
CA ASN B 62 24.42 -13.26 22.37
C ASN B 62 23.73 -12.31 23.35
N ILE B 63 23.09 -12.88 24.37
CA ILE B 63 22.32 -12.11 25.35
C ILE B 63 23.12 -10.99 26.05
N PRO B 64 24.30 -11.31 26.64
CA PRO B 64 25.12 -10.26 27.25
C PRO B 64 25.48 -9.10 26.31
N ALA B 65 25.87 -9.42 25.07
CA ALA B 65 26.21 -8.39 24.08
C ALA B 65 25.03 -7.46 23.79
N ILE B 66 23.84 -8.05 23.63
CA ILE B 66 22.63 -7.29 23.35
C ILE B 66 22.24 -6.40 24.53
N ILE B 67 22.27 -6.97 25.73
CA ILE B 67 21.99 -6.21 26.95
C ILE B 67 22.98 -5.08 27.13
N SER B 68 24.27 -5.36 26.91
CA SER B 68 25.32 -4.34 26.98
C SER B 68 25.04 -3.17 26.03
N ALA B 69 24.64 -3.47 24.80
CA ALA B 69 24.32 -2.45 23.80
C ALA B 69 23.14 -1.59 24.24
N ALA B 70 22.12 -2.23 24.80
CA ALA B 70 20.94 -1.52 25.32
C ALA B 70 21.31 -0.63 26.50
N GLU B 71 22.26 -1.08 27.32
CA GLU B 71 22.73 -0.31 28.47
C GLU B 71 23.53 0.94 28.07
N ILE B 72 24.52 0.77 27.19
CA ILE B 72 25.42 1.87 26.83
C ILE B 72 24.73 2.97 26.02
N THR B 73 23.72 2.61 25.24
CA THR B 73 22.99 3.58 24.41
C THR B 73 21.85 4.27 25.16
N GLY B 74 21.57 3.81 26.38
CA GLY B 74 20.50 4.40 27.18
C GLY B 74 19.09 4.07 26.69
N ALA B 75 18.93 2.91 26.04
CA ALA B 75 17.61 2.46 25.59
C ALA B 75 16.74 2.05 26.78
N VAL B 76 15.42 2.04 26.59
CA VAL B 76 14.49 1.63 27.65
C VAL B 76 13.78 0.31 27.38
N ALA B 77 13.87 -0.17 26.13
CA ALA B 77 13.13 -1.35 25.69
C ALA B 77 13.88 -2.09 24.59
N ILE B 78 13.57 -3.38 24.47
CA ILE B 78 14.16 -4.26 23.45
C ILE B 78 13.05 -5.01 22.70
N HIS B 79 13.03 -4.87 21.38
CA HIS B 79 12.11 -5.63 20.51
C HIS B 79 12.86 -6.81 19.89
N PRO B 80 12.41 -8.05 20.18
CA PRO B 80 13.12 -9.24 19.72
C PRO B 80 12.73 -9.68 18.31
N GLY B 81 11.71 -9.04 17.73
CA GLY B 81 11.19 -9.43 16.41
C GLY B 81 10.63 -10.83 16.45
N TYR B 82 10.94 -11.61 15.40
CA TYR B 82 10.63 -13.03 15.36
C TYR B 82 11.93 -13.82 15.19
N GLY B 83 11.87 -15.11 15.47
CA GLY B 83 13.06 -15.96 15.45
C GLY B 83 14.03 -15.53 16.54
N PHE B 84 15.30 -15.85 16.34
CA PHE B 84 16.37 -15.57 17.32
C PHE B 84 15.97 -15.76 18.79
N LEU B 85 15.83 -14.66 19.53
CA LEU B 85 15.57 -14.72 20.97
C LEU B 85 14.14 -14.38 21.38
N SER B 86 13.24 -14.26 20.40
CA SER B 86 11.87 -13.79 20.65
C SER B 86 11.02 -14.74 21.51
N GLU B 87 11.34 -16.02 21.48
CA GLU B 87 10.64 -17.00 22.30
C GLU B 87 11.58 -17.66 23.31
N ASN B 88 12.67 -16.95 23.60
CA ASN B 88 13.61 -17.34 24.65
C ASN B 88 13.14 -16.70 25.96
N ALA B 89 12.52 -17.51 26.81
CA ALA B 89 11.97 -17.03 28.08
C ALA B 89 13.04 -16.47 28.99
N ASN B 90 14.22 -17.09 28.98
CA ASN B 90 15.34 -16.62 29.79
C ASN B 90 15.82 -15.23 29.35
N PHE B 91 15.78 -14.99 28.04
CA PHE B 91 16.11 -13.66 27.52
C PHE B 91 15.10 -12.61 27.98
N ALA B 92 13.80 -12.92 27.81
CA ALA B 92 12.72 -12.04 28.26
C ALA B 92 12.84 -11.69 29.75
N GLU B 93 13.16 -12.70 30.55
CA GLU B 93 13.35 -12.54 31.99
C GLU B 93 14.54 -11.62 32.28
N GLN B 94 15.65 -11.86 31.59
CA GLN B 94 16.87 -11.07 31.78
C GLN B 94 16.69 -9.61 31.36
N VAL B 95 16.01 -9.39 30.24
CA VAL B 95 15.70 -8.03 29.77
C VAL B 95 15.01 -7.24 30.88
N GLU B 96 13.98 -7.82 31.47
CA GLU B 96 13.26 -7.19 32.59
C GLU B 96 14.08 -7.10 33.88
N ARG B 97 14.87 -8.13 34.16
CA ARG B 97 15.79 -8.11 35.31
C ARG B 97 16.82 -6.98 35.22
N SER B 98 17.30 -6.72 34.00
CA SER B 98 18.25 -5.65 33.75
C SER B 98 17.59 -4.27 33.69
N GLY B 99 16.27 -4.23 33.88
CA GLY B 99 15.54 -2.98 34.01
C GLY B 99 14.94 -2.42 32.74
N PHE B 100 14.93 -3.24 31.68
CA PHE B 100 14.35 -2.86 30.40
C PHE B 100 12.92 -3.36 30.25
N ILE B 101 12.15 -2.69 29.39
CA ILE B 101 10.88 -3.24 28.92
C ILE B 101 11.17 -4.26 27.82
N PHE B 102 10.60 -5.46 27.96
CA PHE B 102 10.66 -6.47 26.91
C PHE B 102 9.40 -6.32 26.06
N ILE B 103 9.59 -6.09 24.76
CA ILE B 103 8.45 -5.94 23.85
C ILE B 103 7.94 -7.32 23.45
N GLY B 104 7.05 -7.84 24.30
CA GLY B 104 6.53 -9.19 24.18
C GLY B 104 5.87 -9.59 25.48
N PRO B 105 5.54 -10.87 25.63
CA PRO B 105 4.83 -11.33 26.83
C PRO B 105 5.76 -11.49 28.01
N LYS B 106 5.17 -11.76 29.18
CA LYS B 106 5.93 -12.12 30.37
C LYS B 106 6.69 -13.42 30.13
N ALA B 107 7.88 -13.52 30.73
CA ALA B 107 8.72 -14.71 30.57
C ALA B 107 7.99 -16.01 30.90
N GLU B 108 7.18 -16.00 31.95
CA GLU B 108 6.44 -17.20 32.37
C GLU B 108 5.37 -17.62 31.36
N THR B 109 4.81 -16.64 30.65
CA THR B 109 3.88 -16.91 29.55
C THR B 109 4.60 -17.55 28.37
N ILE B 110 5.80 -17.06 28.08
CA ILE B 110 6.64 -17.65 27.02
C ILE B 110 6.92 -19.13 27.29
N ARG B 111 7.37 -19.47 28.50
CA ARG B 111 7.64 -20.88 28.81
C ARG B 111 6.40 -21.76 28.93
N LEU B 112 5.29 -21.19 29.40
CA LEU B 112 4.01 -21.89 29.41
C LEU B 112 3.62 -22.33 28.00
N MET B 113 3.68 -21.39 27.05
CA MET B 113 3.24 -21.66 25.69
C MET B 113 4.36 -22.22 24.81
N GLY B 114 5.59 -22.20 25.34
CA GLY B 114 6.76 -22.72 24.64
C GLY B 114 6.96 -24.22 24.82
N ASP B 115 6.26 -24.80 25.81
CA ASP B 115 6.19 -26.24 25.95
C ASP B 115 4.81 -26.69 25.54
N LYS B 116 4.74 -27.56 24.54
CA LYS B 116 3.48 -27.90 23.89
C LYS B 116 2.46 -28.58 24.82
N VAL B 117 2.94 -29.50 25.66
CA VAL B 117 2.08 -30.18 26.64
C VAL B 117 1.40 -29.19 27.61
N SER B 118 2.18 -28.28 28.20
CA SER B 118 1.61 -27.29 29.10
C SER B 118 0.73 -26.27 28.36
N ALA B 119 1.12 -25.95 27.12
CA ALA B 119 0.37 -25.02 26.27
C ALA B 119 -1.01 -25.55 25.94
N ILE B 120 -1.08 -26.80 25.49
CA ILE B 120 -2.33 -27.49 25.18
C ILE B 120 -3.22 -27.57 26.43
N ALA B 121 -2.61 -27.89 27.57
CA ALA B 121 -3.32 -27.96 28.85
C ALA B 121 -3.97 -26.61 29.19
N ALA B 122 -3.22 -25.52 28.98
CA ALA B 122 -3.73 -24.17 29.24
C ALA B 122 -4.86 -23.80 28.30
N MET B 123 -4.76 -24.25 27.04
CA MET B 123 -5.77 -23.95 26.02
C MET B 123 -7.05 -24.75 26.24
N LYS B 124 -6.91 -26.02 26.61
CA LYS B 124 -8.05 -26.87 26.93
C LYS B 124 -8.84 -26.28 28.12
N LYS B 125 -8.12 -25.84 29.15
CA LYS B 125 -8.73 -25.21 30.32
C LYS B 125 -9.46 -23.91 29.98
N ALA B 126 -8.86 -23.12 29.09
CA ALA B 126 -9.40 -21.81 28.69
C ALA B 126 -10.65 -21.90 27.80
N GLY B 127 -10.91 -23.08 27.24
CA GLY B 127 -12.05 -23.28 26.36
C GLY B 127 -11.72 -23.27 24.88
N VAL B 128 -10.42 -23.24 24.56
CA VAL B 128 -9.96 -23.29 23.18
C VAL B 128 -9.91 -24.76 22.72
N PRO B 129 -10.58 -25.08 21.60
CA PRO B 129 -10.62 -26.46 21.10
C PRO B 129 -9.23 -26.97 20.71
N CYS B 130 -8.89 -28.15 21.22
CA CYS B 130 -7.61 -28.78 20.93
C CYS B 130 -7.83 -30.09 20.19
N VAL B 131 -6.73 -30.68 19.72
CA VAL B 131 -6.78 -32.00 19.10
C VAL B 131 -7.00 -33.04 20.20
N PRO B 132 -7.99 -33.93 20.02
CA PRO B 132 -8.16 -35.04 20.96
C PRO B 132 -6.84 -35.78 21.11
N GLY B 133 -6.38 -35.95 22.35
CA GLY B 133 -5.07 -36.53 22.61
C GLY B 133 -4.88 -37.07 24.01
N SER B 134 -3.62 -37.32 24.36
CA SER B 134 -3.26 -37.92 25.65
C SER B 134 -3.47 -36.97 26.83
N ASP B 135 -3.46 -35.67 26.55
CA ASP B 135 -3.60 -34.63 27.58
C ASP B 135 -2.56 -34.81 28.69
N GLY B 136 -1.30 -34.97 28.28
CA GLY B 136 -0.19 -35.19 29.19
C GLY B 136 0.94 -35.93 28.49
N PRO B 137 2.09 -36.06 29.18
CA PRO B 137 3.23 -36.79 28.62
C PRO B 137 2.97 -38.30 28.54
N LEU B 138 3.68 -38.97 27.63
CA LEU B 138 3.59 -40.42 27.48
C LEU B 138 4.70 -41.10 28.26
N GLY B 139 4.32 -42.09 29.07
CA GLY B 139 5.27 -42.85 29.88
C GLY B 139 5.88 -44.05 29.17
N ASP B 140 6.56 -44.90 29.93
CA ASP B 140 7.19 -46.10 29.40
C ASP B 140 6.23 -47.28 29.33
N ASP B 141 5.13 -47.19 30.07
CA ASP B 141 4.11 -48.24 30.13
C ASP B 141 3.38 -48.34 28.79
N MET B 142 3.54 -49.50 28.14
CA MET B 142 2.97 -49.75 26.81
C MET B 142 1.45 -49.96 26.83
N ASP B 143 0.95 -50.49 27.94
CA ASP B 143 -0.49 -50.73 28.12
C ASP B 143 -1.29 -49.42 28.15
N LYS B 144 -0.77 -48.43 28.90
CA LYS B 144 -1.39 -47.12 29.00
C LYS B 144 -1.34 -46.36 27.67
N ASN B 145 -0.20 -46.45 26.97
CA ASN B 145 -0.02 -45.83 25.66
C ASN B 145 -0.95 -46.42 24.61
N ARG B 146 -1.25 -47.71 24.74
CA ARG B 146 -2.15 -48.42 23.84
C ARG B 146 -3.60 -48.02 24.09
N ALA B 147 -3.96 -47.86 25.36
CA ALA B 147 -5.31 -47.47 25.77
C ALA B 147 -5.65 -46.03 25.37
N ILE B 148 -4.64 -45.17 25.39
CA ILE B 148 -4.78 -43.78 24.96
C ILE B 148 -5.15 -43.73 23.47
N ALA B 149 -4.37 -44.43 22.66
CA ALA B 149 -4.57 -44.49 21.20
C ALA B 149 -5.92 -45.06 20.78
N LYS B 150 -6.42 -46.04 21.55
CA LYS B 150 -7.73 -46.65 21.29
C LYS B 150 -8.88 -45.71 21.63
N ARG B 151 -8.68 -44.90 22.67
CA ARG B 151 -9.67 -43.91 23.11
C ARG B 151 -9.85 -42.81 22.07
N ILE B 152 -8.73 -42.30 21.57
CA ILE B 152 -8.73 -41.25 20.53
C ILE B 152 -9.14 -41.85 19.18
N GLY B 153 -8.62 -43.04 18.89
CA GLY B 153 -8.91 -43.72 17.63
C GLY B 153 -7.82 -43.49 16.59
N TYR B 154 -7.30 -44.59 16.03
CA TYR B 154 -6.30 -44.53 14.98
C TYR B 154 -6.88 -43.91 13.70
N PRO B 155 -6.05 -43.17 12.92
CA PRO B 155 -4.62 -42.92 13.12
C PRO B 155 -4.32 -41.83 14.16
N VAL B 156 -3.14 -41.93 14.77
CA VAL B 156 -2.66 -40.95 15.76
C VAL B 156 -1.26 -40.47 15.41
N ILE B 157 -0.83 -39.38 16.05
CA ILE B 157 0.52 -38.85 15.83
C ILE B 157 1.25 -38.61 17.16
N ILE B 158 2.55 -38.94 17.17
CA ILE B 158 3.41 -38.69 18.33
C ILE B 158 4.19 -37.40 18.10
N LYS B 159 4.18 -36.52 19.10
CA LYS B 159 4.82 -35.21 18.98
C LYS B 159 5.74 -34.89 20.16
N ALA B 160 6.86 -34.25 19.86
CA ALA B 160 7.78 -33.77 20.88
C ALA B 160 7.21 -32.55 21.61
N SER B 161 7.26 -32.58 22.94
CA SER B 161 6.76 -31.49 23.76
C SER B 161 7.61 -30.24 23.66
N GLY B 162 8.94 -30.43 23.58
CA GLY B 162 9.88 -29.33 23.44
C GLY B 162 10.23 -29.02 22.00
N GLY B 163 9.51 -29.66 21.08
CA GLY B 163 9.76 -29.49 19.65
C GLY B 163 8.85 -28.47 18.98
N GLY B 164 8.84 -28.49 17.65
CA GLY B 164 8.03 -27.57 16.86
C GLY B 164 8.48 -27.56 15.41
N GLY B 165 7.66 -28.15 14.54
CA GLY B 165 7.96 -28.23 13.11
C GLY B 165 8.04 -29.65 12.61
N GLY B 166 9.14 -29.98 11.94
CA GLY B 166 9.33 -31.29 11.34
C GLY B 166 9.96 -32.32 12.26
N ARG B 167 10.84 -31.86 13.15
CA ARG B 167 11.53 -32.73 14.09
C ARG B 167 10.61 -33.20 15.21
N GLY B 168 10.70 -34.49 15.54
CA GLY B 168 9.89 -35.08 16.60
C GLY B 168 8.43 -35.25 16.21
N MET B 169 8.19 -35.94 15.10
CA MET B 169 6.84 -36.22 14.63
C MET B 169 6.76 -37.52 13.82
N ARG B 170 5.92 -38.44 14.29
CA ARG B 170 5.74 -39.73 13.64
C ARG B 170 4.27 -40.18 13.66
N VAL B 171 3.77 -40.56 12.50
CA VAL B 171 2.39 -41.02 12.34
C VAL B 171 2.27 -42.50 12.72
N VAL B 172 1.26 -42.81 13.54
CA VAL B 172 0.98 -44.18 13.95
C VAL B 172 -0.43 -44.57 13.49
N ARG B 173 -0.53 -45.68 12.77
CA ARG B 173 -1.82 -46.13 12.21
C ARG B 173 -2.32 -47.44 12.83
N GLY B 174 -1.44 -48.11 13.58
CA GLY B 174 -1.77 -49.38 14.24
C GLY B 174 -0.92 -49.65 15.46
N ASP B 175 -1.36 -50.60 16.29
CA ASP B 175 -0.67 -50.95 17.54
C ASP B 175 0.73 -51.50 17.33
N ALA B 176 0.97 -52.15 16.18
CA ALA B 176 2.25 -52.76 15.86
C ALA B 176 3.37 -51.73 15.64
N GLU B 177 3.00 -50.56 15.13
CA GLU B 177 3.96 -49.50 14.84
C GLU B 177 4.20 -48.56 16.03
N LEU B 178 3.32 -48.64 17.02
CA LEU B 178 3.34 -47.74 18.18
C LEU B 178 4.59 -47.87 19.05
N ALA B 179 5.12 -49.09 19.16
CA ALA B 179 6.29 -49.37 20.00
C ALA B 179 7.54 -48.64 19.54
N GLN B 180 7.88 -48.77 18.26
CA GLN B 180 9.06 -48.13 17.68
C GLN B 180 8.89 -46.62 17.51
N SER B 181 7.66 -46.17 17.33
CA SER B 181 7.35 -44.76 17.08
C SER B 181 7.63 -43.85 18.29
N ILE B 182 7.16 -44.27 19.47
CA ILE B 182 7.34 -43.49 20.70
C ILE B 182 8.82 -43.42 21.11
N SER B 183 9.54 -44.52 20.91
CA SER B 183 10.97 -44.58 21.24
C SER B 183 11.84 -43.72 20.30
N MET B 184 11.50 -43.71 19.02
CA MET B 184 12.25 -42.94 18.01
C MET B 184 11.99 -41.43 18.12
N THR B 185 10.75 -41.06 18.42
CA THR B 185 10.36 -39.66 18.61
C THR B 185 11.00 -39.10 19.88
N ARG B 186 11.10 -39.93 20.92
CA ARG B 186 11.79 -39.58 22.15
C ARG B 186 13.29 -39.42 21.92
N ALA B 187 13.84 -40.24 21.03
CA ALA B 187 15.27 -40.24 20.71
C ALA B 187 15.71 -38.97 19.98
N GLU B 188 14.90 -38.53 19.01
CA GLU B 188 15.21 -37.33 18.23
C GLU B 188 14.90 -36.05 19.01
N ALA B 189 13.95 -36.12 19.94
CA ALA B 189 13.57 -34.98 20.76
C ALA B 189 14.63 -34.67 21.82
N LYS B 190 15.21 -35.71 22.40
CA LYS B 190 16.27 -35.57 23.41
C LYS B 190 17.58 -35.12 22.76
N ALA B 191 17.81 -35.55 21.53
CA ALA B 191 19.02 -35.21 20.78
C ALA B 191 19.03 -33.77 20.27
N ALA B 192 17.83 -33.24 19.99
CA ALA B 192 17.69 -31.90 19.39
C ALA B 192 17.26 -30.80 20.36
N PHE B 193 16.47 -31.16 21.36
CA PHE B 193 15.89 -30.16 22.28
C PHE B 193 16.28 -30.37 23.75
N SER B 194 17.05 -31.44 24.01
CA SER B 194 17.41 -31.85 25.37
C SER B 194 16.19 -32.08 26.27
N ASN B 195 15.08 -32.41 25.62
CA ASN B 195 13.82 -32.72 26.28
C ASN B 195 13.19 -33.91 25.58
N ASP B 196 13.07 -35.02 26.30
CA ASP B 196 12.60 -36.28 25.72
C ASP B 196 11.09 -36.49 25.89
N MET B 197 10.40 -35.49 26.41
CA MET B 197 8.95 -35.58 26.62
C MET B 197 8.19 -35.60 25.29
N VAL B 198 7.31 -36.59 25.16
CA VAL B 198 6.46 -36.72 23.97
C VAL B 198 5.00 -36.86 24.37
N TYR B 199 4.11 -36.48 23.45
CA TYR B 199 2.67 -36.61 23.66
C TYR B 199 1.98 -37.17 22.41
N MET B 200 0.71 -37.52 22.56
CA MET B 200 -0.06 -38.13 21.48
C MET B 200 -1.34 -37.35 21.22
N GLU B 201 -1.71 -37.26 19.94
CA GLU B 201 -3.01 -36.69 19.53
C GLU B 201 -3.53 -37.37 18.27
N LYS B 202 -4.83 -37.22 18.01
CA LYS B 202 -5.45 -37.78 16.81
C LYS B 202 -4.83 -37.19 15.55
N TYR B 203 -4.44 -38.06 14.62
CA TYR B 203 -3.86 -37.61 13.36
C TYR B 203 -4.94 -37.14 12.40
N LEU B 204 -4.81 -35.91 11.93
CA LEU B 204 -5.71 -35.34 10.95
C LEU B 204 -5.07 -35.45 9.57
N GLU B 205 -5.78 -36.08 8.64
CA GLU B 205 -5.20 -36.47 7.35
C GLU B 205 -4.79 -35.29 6.46
N ASN B 206 -5.74 -34.40 6.19
CA ASN B 206 -5.53 -33.29 5.27
C ASN B 206 -6.07 -31.96 5.81
N PRO B 207 -5.50 -31.47 6.93
CA PRO B 207 -6.01 -30.23 7.49
C PRO B 207 -5.44 -28.99 6.77
N ARG B 208 -6.07 -27.85 7.01
CA ARG B 208 -5.50 -26.55 6.62
C ARG B 208 -4.85 -25.91 7.84
N HIS B 209 -3.90 -25.02 7.60
CA HIS B 209 -3.28 -24.24 8.67
C HIS B 209 -4.00 -22.90 8.75
N VAL B 210 -4.77 -22.70 9.82
CA VAL B 210 -5.47 -21.45 10.04
C VAL B 210 -5.10 -20.90 11.41
N GLU B 211 -4.65 -19.65 11.45
CA GLU B 211 -4.15 -19.06 12.69
C GLU B 211 -4.84 -17.72 13.01
N ILE B 212 -5.04 -17.47 14.30
CA ILE B 212 -5.70 -16.26 14.77
C ILE B 212 -4.70 -15.28 15.34
N GLN B 213 -4.75 -14.04 14.84
CA GLN B 213 -3.95 -12.94 15.39
C GLN B 213 -4.65 -12.35 16.60
N VAL B 214 -3.91 -12.17 17.68
CA VAL B 214 -4.43 -11.47 18.86
C VAL B 214 -3.54 -10.30 19.28
N LEU B 215 -4.16 -9.34 19.95
CA LEU B 215 -3.45 -8.32 20.72
C LEU B 215 -4.05 -8.30 22.11
N ALA B 216 -3.19 -8.25 23.11
CA ALA B 216 -3.61 -8.13 24.51
C ALA B 216 -2.69 -7.14 25.21
N ASP B 217 -3.24 -6.31 26.08
CA ASP B 217 -2.44 -5.28 26.74
C ASP B 217 -1.82 -5.75 28.06
N GLY B 218 -2.21 -6.94 28.50
CA GLY B 218 -1.78 -7.48 29.79
C GLY B 218 -2.44 -6.76 30.94
N GLN B 219 -3.52 -6.05 30.64
CA GLN B 219 -4.28 -5.26 31.61
C GLN B 219 -5.73 -5.73 31.65
N GLY B 220 -5.99 -6.89 31.03
CA GLY B 220 -7.32 -7.48 31.03
C GLY B 220 -8.04 -7.41 29.70
N ASN B 221 -7.52 -6.59 28.79
CA ASN B 221 -8.12 -6.43 27.47
C ASN B 221 -7.41 -7.26 26.42
N ALA B 222 -8.19 -7.92 25.57
CA ALA B 222 -7.65 -8.74 24.49
C ALA B 222 -8.60 -8.76 23.30
N ILE B 223 -8.04 -8.58 22.11
CA ILE B 223 -8.83 -8.60 20.87
C ILE B 223 -8.24 -9.56 19.85
N TYR B 224 -9.11 -10.11 19.00
CA TYR B 224 -8.67 -10.92 17.88
C TYR B 224 -8.81 -10.12 16.58
N LEU B 225 -7.84 -10.31 15.70
CA LEU B 225 -7.78 -9.58 14.44
C LEU B 225 -7.87 -10.55 13.28
N ALA B 226 -9.00 -11.25 13.23
CA ALA B 226 -9.30 -12.27 12.21
C ALA B 226 -8.23 -13.36 12.12
N GLU B 227 -8.20 -14.04 10.98
CA GLU B 227 -7.35 -15.21 10.79
C GLU B 227 -6.47 -15.11 9.54
N ARG B 228 -5.53 -16.05 9.44
CA ARG B 228 -4.70 -16.20 8.25
C ARG B 228 -4.64 -17.68 7.89
N ASP B 229 -4.59 -17.95 6.59
CA ASP B 229 -4.34 -19.29 6.10
C ASP B 229 -2.91 -19.40 5.62
N CYS B 230 -2.15 -20.32 6.20
CA CYS B 230 -0.74 -20.50 5.88
C CYS B 230 -0.44 -21.94 5.49
N SER B 231 -1.35 -22.55 4.73
CA SER B 231 -1.27 -23.97 4.39
C SER B 231 -0.20 -24.28 3.34
N MET B 232 0.12 -23.30 2.50
CA MET B 232 1.13 -23.47 1.44
C MET B 232 2.52 -23.51 2.07
N GLN B 233 3.04 -24.74 2.19
CA GLN B 233 4.26 -24.99 2.95
C GLN B 233 5.22 -25.94 2.24
N ARG B 234 6.51 -25.78 2.54
CA ARG B 234 7.52 -26.74 2.10
C ARG B 234 8.49 -26.99 3.26
N ARG B 235 8.65 -28.26 3.61
CA ARG B 235 9.44 -28.68 4.79
C ARG B 235 8.99 -27.93 6.05
N HIS B 236 7.67 -27.83 6.22
CA HIS B 236 7.03 -27.20 7.39
C HIS B 236 7.30 -25.70 7.51
N GLN B 237 7.80 -25.12 6.43
CA GLN B 237 8.09 -23.69 6.33
C GLN B 237 7.05 -23.06 5.42
N LYS B 238 6.37 -22.03 5.94
CA LYS B 238 5.34 -21.32 5.18
C LYS B 238 5.93 -20.61 3.96
N VAL B 239 5.20 -20.68 2.85
CA VAL B 239 5.66 -20.09 1.58
C VAL B 239 4.70 -18.97 1.14
N VAL B 240 3.41 -19.23 1.26
CA VAL B 240 2.37 -18.24 0.99
C VAL B 240 1.44 -18.16 2.19
N GLU B 241 1.03 -16.94 2.56
CA GLU B 241 0.01 -16.74 3.58
C GLU B 241 -1.04 -15.78 3.06
N GLU B 242 -2.27 -15.91 3.58
CA GLU B 242 -3.36 -15.03 3.15
C GLU B 242 -4.35 -14.76 4.28
N ALA B 243 -5.07 -13.63 4.14
CA ALA B 243 -6.07 -13.22 5.11
C ALA B 243 -7.21 -12.51 4.40
N PRO B 244 -8.48 -12.80 4.77
CA PRO B 244 -8.90 -13.87 5.68
C PRO B 244 -8.70 -15.24 5.03
N ALA B 245 -8.93 -16.31 5.78
CA ALA B 245 -8.86 -17.67 5.22
C ALA B 245 -10.12 -17.96 4.40
N PRO B 246 -9.95 -18.40 3.15
CA PRO B 246 -11.08 -18.75 2.29
C PRO B 246 -11.99 -19.80 2.92
N GLY B 247 -13.30 -19.57 2.85
CA GLY B 247 -14.28 -20.51 3.39
C GLY B 247 -14.69 -20.25 4.83
N ILE B 248 -13.87 -19.49 5.56
CA ILE B 248 -14.20 -19.13 6.94
C ILE B 248 -15.29 -18.06 6.94
N THR B 249 -16.41 -18.40 7.55
CA THR B 249 -17.56 -17.50 7.67
C THR B 249 -17.37 -16.51 8.83
N PRO B 250 -18.13 -15.39 8.81
CA PRO B 250 -18.12 -14.44 9.94
C PRO B 250 -18.45 -15.08 11.29
N GLU B 251 -19.42 -16.01 11.31
CA GLU B 251 -19.80 -16.70 12.56
C GLU B 251 -18.74 -17.67 13.07
N LEU B 252 -18.04 -18.32 12.14
CA LEU B 252 -16.92 -19.21 12.50
C LEU B 252 -15.69 -18.39 12.95
N ARG B 253 -15.53 -17.20 12.37
CA ARG B 253 -14.47 -16.26 12.74
C ARG B 253 -14.64 -15.79 14.18
N ARG B 254 -15.86 -15.38 14.54
CA ARG B 254 -16.12 -14.89 15.90
C ARG B 254 -16.11 -16.03 16.92
N TYR B 255 -16.54 -17.21 16.51
CA TYR B 255 -16.47 -18.39 17.38
C TYR B 255 -15.06 -18.61 17.89
N ILE B 256 -14.11 -18.82 16.97
CA ILE B 256 -12.74 -19.14 17.33
C ILE B 256 -11.96 -17.92 17.85
N GLY B 257 -12.29 -16.75 17.31
CA GLY B 257 -11.69 -15.50 17.72
C GLY B 257 -11.98 -15.15 19.17
N GLU B 258 -13.26 -15.22 19.55
CA GLU B 258 -13.67 -14.97 20.93
C GLU B 258 -13.02 -15.93 21.92
N ARG B 259 -12.84 -17.18 21.50
CA ARG B 259 -12.19 -18.19 22.33
C ARG B 259 -10.70 -17.91 22.54
N CYS B 260 -10.03 -17.44 21.49
CA CYS B 260 -8.62 -17.04 21.57
C CYS B 260 -8.45 -15.80 22.45
N ALA B 261 -9.37 -14.84 22.32
CA ALA B 261 -9.36 -13.61 23.11
C ALA B 261 -9.57 -13.89 24.60
N LYS B 262 -10.46 -14.83 24.91
CA LYS B 262 -10.67 -15.26 26.30
C LYS B 262 -9.43 -15.95 26.85
N ALA B 263 -8.83 -16.81 26.03
CA ALA B 263 -7.60 -17.51 26.39
C ALA B 263 -6.49 -16.55 26.78
N CYS B 264 -6.38 -15.43 26.07
CA CYS B 264 -5.41 -14.38 26.38
C CYS B 264 -5.57 -13.80 27.78
N VAL B 265 -6.83 -13.53 28.15
CA VAL B 265 -7.15 -13.03 29.49
C VAL B 265 -6.79 -14.09 30.53
N ASP B 266 -7.18 -15.33 30.25
CA ASP B 266 -6.90 -16.47 31.14
C ASP B 266 -5.42 -16.69 31.44
N ILE B 267 -4.56 -16.56 30.43
CA ILE B 267 -3.12 -16.78 30.62
C ILE B 267 -2.33 -15.51 30.94
N GLY B 268 -3.04 -14.39 31.02
CA GLY B 268 -2.43 -13.09 31.29
C GLY B 268 -1.52 -12.62 30.16
N TYR B 269 -1.94 -12.90 28.93
CA TYR B 269 -1.12 -12.59 27.76
C TYR B 269 -0.88 -11.10 27.57
N ARG B 270 0.33 -10.74 27.18
CA ARG B 270 0.70 -9.35 26.94
C ARG B 270 1.39 -9.20 25.58
N GLY B 271 0.83 -8.34 24.73
CA GLY B 271 1.41 -8.04 23.42
C GLY B 271 0.72 -8.74 22.26
N ALA B 272 1.44 -8.82 21.15
CA ALA B 272 0.98 -9.54 19.96
C ALA B 272 1.24 -11.03 20.14
N GLY B 273 0.31 -11.83 19.64
CA GLY B 273 0.43 -13.29 19.66
C GLY B 273 -0.40 -13.94 18.58
N THR B 274 -0.09 -15.20 18.28
CA THR B 274 -0.82 -15.97 17.28
C THR B 274 -1.15 -17.36 17.80
N PHE B 275 -2.42 -17.72 17.70
CA PHE B 275 -2.87 -19.09 17.98
C PHE B 275 -2.97 -19.84 16.67
N GLU B 276 -2.13 -20.85 16.50
CA GLU B 276 -2.12 -21.68 15.29
C GLU B 276 -3.04 -22.86 15.46
N PHE B 277 -3.87 -23.11 14.44
CA PHE B 277 -4.83 -24.21 14.44
C PHE B 277 -4.67 -25.08 13.20
N LEU B 278 -4.98 -26.36 13.35
CA LEU B 278 -5.28 -27.21 12.22
C LEU B 278 -6.79 -27.15 12.00
N PHE B 279 -7.18 -26.92 10.76
CA PHE B 279 -8.59 -26.75 10.41
C PHE B 279 -9.01 -27.81 9.40
N GLU B 280 -9.95 -28.66 9.79
CA GLU B 280 -10.45 -29.73 8.95
C GLU B 280 -11.90 -30.01 9.26
N ASN B 281 -12.69 -30.23 8.20
CA ASN B 281 -14.13 -30.52 8.31
C ASN B 281 -14.91 -29.49 9.13
N GLY B 282 -14.56 -28.21 8.95
CA GLY B 282 -15.23 -27.11 9.64
C GLY B 282 -14.92 -26.96 11.11
N GLU B 283 -13.87 -27.63 11.57
CA GLU B 283 -13.49 -27.61 12.99
C GLU B 283 -12.06 -27.12 13.21
N PHE B 284 -11.86 -26.31 14.23
CA PHE B 284 -10.53 -25.84 14.63
C PHE B 284 -9.92 -26.72 15.71
N TYR B 285 -8.62 -26.99 15.59
CA TYR B 285 -7.88 -27.74 16.60
C TYR B 285 -6.54 -27.07 16.88
N PHE B 286 -6.38 -26.56 18.11
CA PHE B 286 -5.14 -25.88 18.53
C PHE B 286 -3.92 -26.80 18.49
N ILE B 287 -2.82 -26.29 17.96
CA ILE B 287 -1.54 -27.02 17.98
C ILE B 287 -0.41 -26.26 18.66
N GLU B 288 -0.34 -24.95 18.46
CA GLU B 288 0.64 -24.11 19.17
C GLU B 288 0.35 -22.61 19.15
N MET B 289 0.93 -21.91 20.12
CA MET B 289 0.87 -20.45 20.17
C MET B 289 2.26 -19.85 19.99
N ASN B 290 2.36 -18.92 19.05
CA ASN B 290 3.58 -18.14 18.87
C ASN B 290 3.46 -16.87 19.70
N THR B 291 4.35 -16.76 20.69
CA THR B 291 4.29 -15.67 21.67
C THR B 291 5.18 -14.50 21.24
N ARG B 292 4.85 -13.96 20.06
CA ARG B 292 5.67 -12.98 19.35
C ARG B 292 4.91 -12.51 18.12
N ILE B 293 5.39 -11.45 17.47
CA ILE B 293 4.91 -11.08 16.14
C ILE B 293 5.38 -12.17 15.15
N GLN B 294 4.65 -12.33 14.06
CA GLN B 294 5.03 -13.32 13.04
C GLN B 294 5.45 -12.69 11.72
N VAL B 295 6.19 -13.46 10.93
CA VAL B 295 6.60 -13.08 9.58
C VAL B 295 5.40 -12.53 8.81
N GLU B 296 4.29 -13.28 8.85
CA GLU B 296 3.13 -13.00 8.00
C GLU B 296 2.13 -11.98 8.55
N HIS B 297 2.50 -11.26 9.61
CA HIS B 297 1.61 -10.25 10.18
C HIS B 297 1.04 -9.21 9.18
N PRO B 298 1.81 -8.83 8.12
CA PRO B 298 1.27 -7.84 7.18
C PRO B 298 -0.09 -8.13 6.52
N VAL B 299 -0.41 -9.39 6.23
CA VAL B 299 -1.71 -9.67 5.58
C VAL B 299 -2.90 -9.29 6.47
N THR B 300 -2.73 -9.47 7.79
CA THR B 300 -3.74 -9.08 8.78
C THR B 300 -3.84 -7.56 8.87
N GLU B 301 -2.70 -6.88 8.83
CA GLU B 301 -2.68 -5.41 8.81
C GLU B 301 -3.48 -4.85 7.62
N MET B 302 -3.31 -5.46 6.45
CA MET B 302 -3.97 -4.98 5.24
C MET B 302 -5.50 -5.05 5.33
N ILE B 303 -6.00 -6.14 5.91
CA ILE B 303 -7.45 -6.38 5.96
C ILE B 303 -8.16 -5.74 7.16
N THR B 304 -7.40 -5.27 8.15
CA THR B 304 -7.97 -4.66 9.36
C THR B 304 -7.60 -3.19 9.53
N GLY B 305 -6.51 -2.77 8.90
CA GLY B 305 -6.01 -1.39 9.05
C GLY B 305 -5.20 -1.17 10.31
N VAL B 306 -5.02 -2.24 11.09
CA VAL B 306 -4.28 -2.18 12.36
C VAL B 306 -2.78 -2.38 12.12
N ASP B 307 -1.98 -1.44 12.61
CA ASP B 307 -0.52 -1.54 12.56
C ASP B 307 -0.10 -2.35 13.78
N LEU B 308 0.24 -3.61 13.55
CA LEU B 308 0.50 -4.55 14.64
C LEU B 308 1.78 -4.25 15.43
N ILE B 309 2.81 -3.79 14.72
CA ILE B 309 4.07 -3.39 15.38
C ILE B 309 3.87 -2.16 16.27
N LYS B 310 3.20 -1.14 15.74
CA LYS B 310 2.88 0.04 16.56
C LYS B 310 2.08 -0.33 17.81
N GLU B 311 1.16 -1.27 17.69
CA GLU B 311 0.38 -1.74 18.85
C GLU B 311 1.26 -2.45 19.86
N GLN B 312 2.20 -3.27 19.40
CA GLN B 312 3.19 -3.89 20.29
C GLN B 312 3.91 -2.84 21.11
N LEU B 313 4.30 -1.76 20.44
CA LEU B 313 5.07 -0.67 21.06
C LEU B 313 4.24 0.14 22.05
N ARG B 314 2.98 0.39 21.71
CA ARG B 314 2.06 1.09 22.62
C ARG B 314 1.75 0.27 23.86
N ILE B 315 1.49 -1.03 23.67
CA ILE B 315 1.30 -1.98 24.77
C ILE B 315 2.51 -2.02 25.70
N ALA B 316 3.70 -2.08 25.10
CA ALA B 316 4.96 -2.11 25.86
C ALA B 316 5.20 -0.81 26.66
N ALA B 317 4.71 0.31 26.14
CA ALA B 317 4.76 1.59 26.83
C ALA B 317 3.71 1.71 27.95
N GLY B 318 2.95 0.63 28.18
CA GLY B 318 1.96 0.58 29.26
C GLY B 318 0.60 1.10 28.89
N GLN B 319 0.37 1.34 27.60
CA GLN B 319 -0.91 1.84 27.12
C GLN B 319 -1.92 0.71 26.94
N PRO B 320 -3.12 0.85 27.56
CA PRO B 320 -4.17 -0.13 27.34
C PRO B 320 -4.62 -0.12 25.87
N LEU B 321 -5.20 -1.23 25.42
CA LEU B 321 -5.77 -1.30 24.07
C LEU B 321 -6.85 -0.24 23.93
N SER B 322 -6.74 0.57 22.87
CA SER B 322 -7.75 1.57 22.56
C SER B 322 -8.72 1.02 21.53
N ILE B 323 -8.26 0.01 20.78
CA ILE B 323 -9.09 -0.66 19.79
C ILE B 323 -10.01 -1.64 20.50
N LYS B 324 -11.31 -1.43 20.35
CA LYS B 324 -12.32 -2.34 20.88
C LYS B 324 -12.63 -3.39 19.82
N GLN B 325 -13.09 -4.56 20.27
CA GLN B 325 -13.39 -5.68 19.36
C GLN B 325 -14.40 -5.30 18.27
N GLU B 326 -15.41 -4.52 18.66
CA GLU B 326 -16.45 -4.07 17.73
C GLU B 326 -15.92 -3.08 16.67
N GLU B 327 -14.71 -2.58 16.88
CA GLU B 327 -14.06 -1.65 15.95
C GLU B 327 -13.17 -2.38 14.93
N VAL B 328 -12.98 -3.68 15.14
CA VAL B 328 -12.16 -4.50 14.24
C VAL B 328 -13.02 -5.10 13.13
N HIS B 329 -12.70 -4.77 11.89
CA HIS B 329 -13.46 -5.27 10.75
C HIS B 329 -12.56 -5.84 9.67
N VAL B 330 -12.95 -7.01 9.16
CA VAL B 330 -12.31 -7.59 8.00
C VAL B 330 -12.83 -6.87 6.75
N ARG B 331 -11.90 -6.39 5.94
CA ARG B 331 -12.23 -5.75 4.67
C ARG B 331 -11.22 -6.16 3.62
N GLY B 332 -11.73 -6.66 2.49
CA GLY B 332 -10.88 -7.11 1.39
C GLY B 332 -10.11 -8.37 1.72
N HIS B 333 -8.99 -8.56 1.03
CA HIS B 333 -8.25 -9.80 1.10
C HIS B 333 -6.80 -9.50 0.77
N ALA B 334 -5.88 -10.15 1.47
CA ALA B 334 -4.46 -9.96 1.22
C ALA B 334 -3.70 -11.27 1.12
N VAL B 335 -2.70 -11.28 0.24
CA VAL B 335 -1.86 -12.44 0.01
C VAL B 335 -0.40 -12.03 0.20
N GLU B 336 0.37 -12.86 0.90
CA GLU B 336 1.81 -12.65 1.04
C GLU B 336 2.61 -13.77 0.40
N CYS B 337 3.57 -13.39 -0.45
CA CYS B 337 4.55 -14.31 -1.00
C CYS B 337 5.89 -14.02 -0.34
N ARG B 338 6.45 -15.02 0.35
CA ARG B 338 7.80 -14.91 0.88
C ARG B 338 8.80 -14.98 -0.26
N ILE B 339 9.75 -14.04 -0.26
CA ILE B 339 10.82 -14.03 -1.26
C ILE B 339 12.09 -14.54 -0.58
N ASN B 340 12.60 -15.66 -1.06
CA ASN B 340 13.77 -16.32 -0.47
C ASN B 340 14.95 -16.43 -1.42
N ALA B 341 16.15 -16.18 -0.89
CA ALA B 341 17.40 -16.32 -1.63
C ALA B 341 17.79 -17.79 -1.67
N GLU B 342 17.21 -18.49 -2.65
CA GLU B 342 17.37 -19.93 -2.83
C GLU B 342 16.96 -20.28 -4.25
N ASP B 343 17.48 -21.40 -4.75
CA ASP B 343 17.09 -21.90 -6.07
C ASP B 343 15.60 -22.27 -6.07
N PRO B 344 14.84 -21.79 -7.09
CA PRO B 344 13.40 -22.07 -7.18
C PRO B 344 13.03 -23.54 -7.45
N ASN B 345 14.02 -24.37 -7.78
CA ASN B 345 13.79 -25.80 -8.06
C ASN B 345 14.47 -26.76 -7.08
N THR B 346 15.71 -26.47 -6.71
CA THR B 346 16.48 -27.33 -5.80
C THR B 346 16.49 -26.79 -4.37
N PHE B 347 16.23 -25.49 -4.23
CA PHE B 347 16.24 -24.78 -2.94
C PHE B 347 17.61 -24.71 -2.25
N LEU B 348 18.67 -24.86 -3.04
CA LEU B 348 20.02 -24.56 -2.58
C LEU B 348 20.07 -23.08 -2.21
N PRO B 349 20.58 -22.74 -1.01
CA PRO B 349 20.65 -21.34 -0.60
C PRO B 349 21.46 -20.53 -1.60
N SER B 350 21.04 -19.28 -1.85
CA SER B 350 21.72 -18.42 -2.80
C SER B 350 22.11 -17.09 -2.16
N PRO B 351 23.13 -17.10 -1.27
CA PRO B 351 23.66 -15.83 -0.82
C PRO B 351 24.47 -15.18 -1.92
N GLY B 352 24.72 -13.88 -1.78
CA GLY B 352 25.57 -13.17 -2.74
C GLY B 352 25.09 -11.76 -3.00
N LYS B 353 25.80 -11.08 -3.90
CA LYS B 353 25.52 -9.68 -4.21
C LYS B 353 24.36 -9.55 -5.18
N ILE B 354 23.38 -8.73 -4.79
CA ILE B 354 22.29 -8.37 -5.68
C ILE B 354 22.80 -7.26 -6.61
N THR B 355 22.89 -7.60 -7.89
CA THR B 355 23.50 -6.73 -8.89
C THR B 355 22.49 -5.80 -9.57
N ARG B 356 21.23 -6.21 -9.57
CA ARG B 356 20.13 -5.37 -10.04
C ARG B 356 18.88 -5.67 -9.23
N PHE B 357 18.21 -4.60 -8.80
CA PHE B 357 16.98 -4.73 -8.01
C PHE B 357 15.95 -3.69 -8.41
N HIS B 358 14.73 -4.15 -8.62
CA HIS B 358 13.59 -3.27 -8.79
C HIS B 358 12.38 -3.83 -8.06
N ALA B 359 11.81 -3.00 -7.19
CA ALA B 359 10.64 -3.38 -6.41
C ALA B 359 9.37 -3.10 -7.21
N PRO B 360 8.34 -3.95 -7.04
CA PRO B 360 7.06 -3.67 -7.70
C PRO B 360 6.34 -2.53 -6.99
N GLY B 361 5.43 -1.87 -7.70
CA GLY B 361 4.61 -0.81 -7.12
C GLY B 361 3.17 -0.96 -7.52
N GLY B 362 2.37 0.05 -7.22
CA GLY B 362 0.96 0.06 -7.62
C GLY B 362 0.00 0.03 -6.45
N PHE B 363 -1.28 0.25 -6.76
CA PHE B 363 -2.36 0.21 -5.80
C PHE B 363 -2.46 -1.17 -5.18
N GLY B 364 -2.47 -1.23 -3.84
CA GLY B 364 -2.61 -2.49 -3.12
C GLY B 364 -1.34 -3.32 -2.99
N VAL B 365 -0.21 -2.77 -3.45
CA VAL B 365 1.07 -3.47 -3.44
C VAL B 365 1.98 -2.98 -2.31
N ARG B 366 2.36 -3.89 -1.42
CA ARG B 366 3.22 -3.58 -0.29
C ARG B 366 4.48 -4.43 -0.32
N TRP B 367 5.63 -3.78 -0.31
CA TRP B 367 6.94 -4.45 -0.37
C TRP B 367 7.68 -4.32 0.97
N GLU B 368 7.99 -5.46 1.58
CA GLU B 368 8.66 -5.51 2.86
C GLU B 368 10.01 -6.19 2.72
N SER B 369 11.06 -5.39 2.57
CA SER B 369 12.40 -5.92 2.40
C SER B 369 13.50 -4.90 2.63
N HIS B 370 14.61 -5.38 3.18
CA HIS B 370 15.81 -4.59 3.41
C HIS B 370 16.75 -4.56 2.19
N ILE B 371 16.44 -5.35 1.16
CA ILE B 371 17.38 -5.49 0.05
C ILE B 371 17.42 -4.26 -0.86
N TYR B 372 18.57 -4.08 -1.50
CA TYR B 372 18.79 -2.98 -2.45
C TYR B 372 19.86 -3.42 -3.44
N ALA B 373 19.96 -2.73 -4.57
CA ALA B 373 21.00 -3.03 -5.55
C ALA B 373 22.37 -2.75 -4.96
N GLY B 374 23.25 -3.74 -5.02
CA GLY B 374 24.58 -3.62 -4.43
C GLY B 374 24.70 -4.30 -3.08
N TYR B 375 23.56 -4.62 -2.47
CA TYR B 375 23.53 -5.31 -1.19
C TYR B 375 23.90 -6.78 -1.35
N THR B 376 24.72 -7.29 -0.43
CA THR B 376 25.07 -8.70 -0.42
C THR B 376 24.24 -9.42 0.64
N VAL B 377 23.54 -10.47 0.20
CA VAL B 377 22.85 -11.38 1.09
C VAL B 377 23.92 -12.31 1.70
N PRO B 378 24.15 -12.21 3.03
CA PRO B 378 25.19 -13.00 3.67
C PRO B 378 24.79 -14.48 3.75
N PRO B 379 25.79 -15.37 3.75
CA PRO B 379 25.48 -16.80 3.87
C PRO B 379 25.09 -17.27 5.29
N TYR B 380 25.20 -16.39 6.28
CA TYR B 380 25.10 -16.80 7.69
C TYR B 380 23.68 -16.95 8.25
N TYR B 381 22.70 -16.35 7.57
CA TYR B 381 21.35 -16.21 8.13
C TYR B 381 20.27 -16.88 7.27
N ASP B 382 19.01 -16.71 7.65
CA ASP B 382 17.85 -17.34 6.97
C ASP B 382 17.75 -16.92 5.50
N SER B 383 17.10 -17.75 4.70
CA SER B 383 16.96 -17.52 3.26
C SER B 383 16.02 -16.36 2.90
N MET B 384 15.07 -16.06 3.77
CA MET B 384 14.05 -15.05 3.46
C MET B 384 14.62 -13.64 3.43
N ILE B 385 14.55 -13.03 2.24
CA ILE B 385 15.11 -11.69 2.02
C ILE B 385 14.06 -10.60 1.86
N GLY B 386 12.80 -11.00 1.65
CA GLY B 386 11.72 -10.04 1.49
C GLY B 386 10.33 -10.65 1.51
N LYS B 387 9.32 -9.78 1.57
CA LYS B 387 7.94 -10.21 1.55
C LYS B 387 7.12 -9.30 0.65
N LEU B 388 6.44 -9.91 -0.30
CA LEU B 388 5.56 -9.19 -1.19
C LEU B 388 4.12 -9.45 -0.77
N ILE B 389 3.41 -8.38 -0.43
CA ILE B 389 2.03 -8.45 0.06
C ILE B 389 1.13 -7.63 -0.86
N CYS B 390 0.11 -8.29 -1.41
CA CYS B 390 -0.84 -7.60 -2.28
C CYS B 390 -2.24 -7.67 -1.72
N TYR B 391 -2.93 -6.52 -1.74
CA TYR B 391 -4.28 -6.39 -1.22
C TYR B 391 -5.26 -6.06 -2.35
N GLY B 392 -6.49 -6.55 -2.21
CA GLY B 392 -7.59 -6.17 -3.09
C GLY B 392 -8.90 -6.20 -2.35
N GLU B 393 -9.95 -5.63 -2.95
CA GLU B 393 -11.30 -5.67 -2.37
C GLU B 393 -11.84 -7.10 -2.24
N ASN B 394 -11.25 -8.02 -3.00
CA ASN B 394 -11.54 -9.45 -2.90
C ASN B 394 -10.30 -10.29 -3.22
N ARG B 395 -10.39 -11.59 -2.97
CA ARG B 395 -9.26 -12.52 -3.17
C ARG B 395 -8.72 -12.54 -4.60
N ASP B 396 -9.62 -12.53 -5.58
CA ASP B 396 -9.22 -12.53 -7.00
C ASP B 396 -8.36 -11.32 -7.37
N VAL B 397 -8.77 -10.14 -6.94
CA VAL B 397 -8.01 -8.90 -7.17
C VAL B 397 -6.63 -8.96 -6.51
N ALA B 398 -6.58 -9.46 -5.27
CA ALA B 398 -5.32 -9.62 -4.53
C ALA B 398 -4.34 -10.53 -5.29
N ILE B 399 -4.85 -11.66 -5.79
CA ILE B 399 -4.06 -12.61 -6.58
C ILE B 399 -3.62 -12.00 -7.92
N ALA B 400 -4.53 -11.31 -8.60
CA ALA B 400 -4.21 -10.64 -9.86
C ALA B 400 -3.09 -9.62 -9.68
N ARG B 401 -3.16 -8.85 -8.59
CA ARG B 401 -2.12 -7.88 -8.27
C ARG B 401 -0.78 -8.54 -7.91
N MET B 402 -0.84 -9.69 -7.25
CA MET B 402 0.38 -10.45 -6.92
C MET B 402 1.09 -10.95 -8.17
N LYS B 403 0.31 -11.48 -9.12
CA LYS B 403 0.87 -11.92 -10.40
C LYS B 403 1.62 -10.78 -11.07
N ASN B 404 0.99 -9.61 -11.13
CA ASN B 404 1.60 -8.42 -11.73
C ASN B 404 2.86 -7.98 -10.99
N ALA B 405 2.78 -7.96 -9.66
CA ALA B 405 3.89 -7.50 -8.82
C ALA B 405 5.10 -8.42 -8.91
N LEU B 406 4.86 -9.73 -8.90
CA LEU B 406 5.93 -10.72 -9.08
C LEU B 406 6.63 -10.58 -10.43
N GLN B 407 5.88 -10.19 -11.46
CA GLN B 407 6.44 -9.93 -12.79
C GLN B 407 7.34 -8.69 -12.84
N GLU B 408 7.01 -7.68 -12.03
CA GLU B 408 7.80 -6.45 -11.96
C GLU B 408 9.05 -6.60 -11.09
N LEU B 409 8.99 -7.51 -10.13
CA LEU B 409 10.08 -7.73 -9.19
C LEU B 409 11.33 -8.24 -9.90
N ILE B 410 12.42 -7.50 -9.77
CA ILE B 410 13.71 -7.90 -10.32
C ILE B 410 14.72 -8.05 -9.20
N ILE B 411 15.31 -9.24 -9.09
CA ILE B 411 16.42 -9.50 -8.19
C ILE B 411 17.43 -10.36 -8.94
N ASP B 412 18.52 -9.73 -9.40
CA ASP B 412 19.56 -10.40 -10.18
C ASP B 412 20.82 -10.58 -9.33
N GLY B 413 21.61 -11.58 -9.67
CA GLY B 413 22.88 -11.84 -8.98
C GLY B 413 22.79 -13.03 -8.03
N ILE B 414 21.57 -13.35 -7.63
CA ILE B 414 21.28 -14.51 -6.78
C ILE B 414 20.05 -15.22 -7.30
N LYS B 415 19.87 -16.48 -6.93
CA LYS B 415 18.64 -17.21 -7.23
C LYS B 415 17.58 -16.86 -6.19
N THR B 416 16.33 -16.74 -6.64
CA THR B 416 15.20 -16.52 -5.74
C THR B 416 14.06 -17.49 -6.07
N ASN B 417 13.06 -17.54 -5.18
CA ASN B 417 11.89 -18.38 -5.39
C ASN B 417 10.74 -17.66 -6.13
N VAL B 418 11.06 -16.53 -6.75
CA VAL B 418 10.05 -15.73 -7.47
C VAL B 418 9.31 -16.58 -8.52
N ASP B 419 10.05 -17.37 -9.30
CA ASP B 419 9.45 -18.25 -10.30
C ASP B 419 8.51 -19.30 -9.69
N LEU B 420 8.86 -19.82 -8.51
CA LEU B 420 7.97 -20.71 -7.77
C LEU B 420 6.67 -19.99 -7.35
N GLN B 421 6.82 -18.77 -6.84
CA GLN B 421 5.66 -17.97 -6.40
C GLN B 421 4.72 -17.67 -7.58
N ILE B 422 5.29 -17.40 -8.74
CA ILE B 422 4.52 -17.22 -9.98
C ILE B 422 3.73 -18.49 -10.32
N ARG B 423 4.38 -19.65 -10.20
CA ARG B 423 3.73 -20.95 -10.39
C ARG B 423 2.56 -21.15 -9.42
N ILE B 424 2.78 -20.81 -8.15
CA ILE B 424 1.74 -20.97 -7.12
C ILE B 424 0.54 -20.06 -7.38
N MET B 425 0.81 -18.81 -7.76
CA MET B 425 -0.28 -17.86 -8.07
C MET B 425 -1.12 -18.31 -9.27
N ASN B 426 -0.47 -19.01 -10.20
CA ASN B 426 -1.13 -19.51 -11.41
C ASN B 426 -1.77 -20.89 -11.22
N ASP B 427 -1.54 -21.49 -10.07
CA ASP B 427 -2.06 -22.83 -9.75
C ASP B 427 -3.57 -22.81 -9.56
N GLU B 428 -4.28 -23.66 -10.31
CA GLU B 428 -5.74 -23.70 -10.33
C GLU B 428 -6.36 -24.02 -8.98
N ASN B 429 -5.70 -24.89 -8.22
CA ASN B 429 -6.18 -25.28 -6.89
C ASN B 429 -6.00 -24.15 -5.88
N PHE B 430 -4.88 -23.43 -5.99
CA PHE B 430 -4.68 -22.23 -5.17
C PHE B 430 -5.72 -21.16 -5.53
N GLN B 431 -5.98 -20.99 -6.83
CA GLN B 431 -6.94 -20.00 -7.30
C GLN B 431 -8.36 -20.29 -6.83
N HIS B 432 -8.71 -21.58 -6.74
CA HIS B 432 -9.97 -22.01 -6.11
C HIS B 432 -9.94 -21.69 -4.62
N GLY B 433 -8.79 -21.96 -3.99
CA GLY B 433 -8.61 -21.68 -2.56
C GLY B 433 -8.87 -22.89 -1.68
N GLY B 434 -8.36 -22.81 -0.45
CA GLY B 434 -8.60 -23.85 0.55
C GLY B 434 -7.79 -25.12 0.38
N THR B 435 -6.62 -25.01 -0.25
CA THR B 435 -5.69 -26.14 -0.35
C THR B 435 -5.14 -26.49 1.03
N ASN B 436 -4.84 -27.77 1.25
CA ASN B 436 -4.37 -28.25 2.54
C ASN B 436 -2.86 -28.12 2.75
N ILE B 437 -2.40 -28.47 3.94
CA ILE B 437 -0.99 -28.28 4.33
C ILE B 437 0.00 -29.18 3.56
N HIS B 438 -0.53 -30.15 2.83
CA HIS B 438 0.30 -31.10 2.08
C HIS B 438 0.39 -30.77 0.60
N TYR B 439 -0.38 -29.78 0.15
CA TYR B 439 -0.56 -29.55 -1.28
C TYR B 439 0.71 -29.17 -2.05
N LEU B 440 1.46 -28.22 -1.53
CA LEU B 440 2.63 -27.70 -2.25
C LEU B 440 3.68 -28.79 -2.55
N GLU B 441 3.97 -29.61 -1.55
CA GLU B 441 5.00 -30.64 -1.69
C GLU B 441 4.64 -31.77 -2.65
N LYS B 442 3.34 -32.03 -2.83
CA LYS B 442 2.92 -33.02 -3.82
C LYS B 442 2.79 -32.41 -5.23
N LYS B 443 2.52 -31.11 -5.30
CA LYS B 443 2.58 -30.38 -6.57
C LYS B 443 4.02 -30.38 -7.11
N LEU B 444 4.98 -30.14 -6.21
CA LEU B 444 6.39 -30.16 -6.54
C LEU B 444 6.92 -31.58 -6.80
N GLY B 445 6.19 -32.57 -6.31
CA GLY B 445 6.55 -33.98 -6.50
C GLY B 445 6.17 -34.52 -7.88
N LEU B 446 5.24 -34.02 -8.53
#